data_6GUO
#
_entry.id   6GUO
#
_cell.length_a   105.570
_cell.length_b   236.190
_cell.length_c   51.610
_cell.angle_alpha   90.00
_cell.angle_beta   90.00
_cell.angle_gamma   90.00
#
_symmetry.space_group_name_H-M   'P 21 21 2'
#
loop_
_entity.id
_entity.type
_entity.pdbx_description
1 polymer 'Putative siderophore-degrading esterase (Eurofung)'
2 non-polymer 'TRIETHYLENE GLYCOL'
3 non-polymer 'CHLORIDE ION'
4 non-polymer GLYCEROL
5 water water
#
_entity_poly.entity_id   1
_entity_poly.type   'polypeptide(L)'
_entity_poly.pdbx_seq_one_letter_code
;GSTHWAFSPIQPGAARNMAAWQIAGKKDGPYQIDVSWPLTWSESGDASGKSANAVYLVDGNALFLTATETLRRRESHRPS
ETGTVVIAIGYPITDSVFSPRRSYDLTPPCDHYIPPEGPDGSPKPEAHGGADEFLTFIAEIVRPFVELKVFPRVSFGRTA
LFGHSYGGLFALHALFTKPSSFDVYLAASPSIWWNNRSILTEARRFISGAALFSSAHPVLRLSFGSREQYPVRQRVESDE
MFKRRQRAAEQRRMNDNCEELYSELLASGRLCKLEVKEYLDEDHGSVIGPALSGGIMFLSNLSA
;
_entity_poly.pdbx_strand_id   A,B,C,D
#
# COMPACT_ATOMS: atom_id res chain seq x y z
N THR A 3 -47.64 18.20 -17.28
CA THR A 3 -46.92 17.06 -16.61
C THR A 3 -47.14 17.08 -15.10
N HIS A 4 -47.53 15.94 -14.55
CA HIS A 4 -47.77 15.80 -13.12
C HIS A 4 -46.44 15.56 -12.39
N TRP A 5 -45.67 16.64 -12.23
CA TRP A 5 -44.37 16.59 -11.53
C TRP A 5 -44.60 16.42 -10.04
N ALA A 6 -43.90 15.46 -9.44
CA ALA A 6 -43.98 15.20 -8.01
C ALA A 6 -42.56 15.08 -7.47
N PHE A 7 -42.26 15.84 -6.42
CA PHE A 7 -41.00 15.72 -5.70
C PHE A 7 -41.31 15.05 -4.37
N SER A 8 -41.10 13.74 -4.31
CA SER A 8 -41.47 12.92 -3.15
C SER A 8 -40.22 12.60 -2.34
N PRO A 9 -40.14 13.08 -1.07
CA PRO A 9 -39.03 12.67 -0.20
C PRO A 9 -38.97 11.16 -0.03
N ILE A 10 -37.77 10.59 -0.07
CA ILE A 10 -37.58 9.15 0.10
C ILE A 10 -36.38 8.86 0.98
N GLN A 11 -36.42 7.71 1.63
CA GLN A 11 -35.29 7.18 2.38
C GLN A 11 -35.14 5.71 2.04
N PRO A 12 -33.89 5.19 2.05
CA PRO A 12 -32.65 5.87 2.38
C PRO A 12 -31.93 6.56 1.19
N GLY A 13 -32.46 6.43 -0.02
CA GLY A 13 -31.79 6.93 -1.21
C GLY A 13 -30.46 6.21 -1.42
N ALA A 14 -29.39 6.98 -1.62
CA ALA A 14 -28.05 6.42 -1.80
C ALA A 14 -27.42 5.90 -0.50
N ALA A 15 -27.97 6.25 0.66
CA ALA A 15 -27.48 5.76 1.95
C ALA A 15 -28.08 4.38 2.32
N ARG A 16 -28.07 3.49 1.34
CA ARG A 16 -28.69 2.18 1.44
C ARG A 16 -27.69 1.18 2.03
N ASN A 17 -28.21 0.20 2.77
CA ASN A 17 -27.39 -0.87 3.33
C ASN A 17 -26.18 -0.33 4.07
N MET A 18 -26.46 0.59 4.99
CA MET A 18 -25.46 1.05 5.94
C MET A 18 -26.09 1.29 7.28
N ALA A 19 -25.26 1.16 8.31
CA ALA A 19 -25.69 1.31 9.71
C ALA A 19 -24.53 1.85 10.50
N ALA A 20 -24.84 2.42 11.65
CA ALA A 20 -23.82 2.98 12.53
C ALA A 20 -24.12 2.63 13.98
N TRP A 21 -23.06 2.53 14.77
CA TRP A 21 -23.14 2.29 16.22
C TRP A 21 -22.18 3.21 16.95
N GLN A 22 -22.56 3.65 18.14
CA GLN A 22 -21.59 4.22 19.08
C GLN A 22 -21.09 3.11 20.00
N ILE A 23 -19.80 3.13 20.32
CA ILE A 23 -19.20 2.19 21.25
C ILE A 23 -18.61 3.03 22.38
N ALA A 24 -19.26 3.00 23.54
CA ALA A 24 -18.87 3.80 24.69
C ALA A 24 -18.14 2.92 25.70
N GLY A 25 -17.20 3.51 26.43
CA GLY A 25 -16.40 2.79 27.42
C GLY A 25 -15.07 3.46 27.73
N LYS A 26 -14.37 3.91 26.70
CA LYS A 26 -13.06 4.56 26.87
C LYS A 26 -13.23 5.97 27.43
N LYS A 27 -12.28 6.38 28.29
CA LYS A 27 -12.25 7.73 28.89
C LYS A 27 -12.31 8.85 27.85
N ASP A 28 -11.52 8.70 26.78
CA ASP A 28 -11.40 9.71 25.72
C ASP A 28 -12.72 10.03 25.01
N GLY A 29 -13.68 9.10 25.08
CA GLY A 29 -15.04 9.30 24.57
C GLY A 29 -15.43 8.12 23.70
N PRO A 30 -16.68 8.11 23.22
CA PRO A 30 -17.13 6.98 22.41
C PRO A 30 -16.45 6.93 21.04
N TYR A 31 -16.43 5.74 20.46
CA TYR A 31 -16.11 5.57 19.05
C TYR A 31 -17.40 5.48 18.26
N GLN A 32 -17.32 5.77 16.97
CA GLN A 32 -18.42 5.61 16.05
C GLN A 32 -17.95 4.64 14.99
N ILE A 33 -18.67 3.54 14.81
CA ILE A 33 -18.38 2.61 13.72
C ILE A 33 -19.47 2.74 12.67
N ASP A 34 -19.07 2.90 11.40
CA ASP A 34 -20.01 2.92 10.28
C ASP A 34 -19.74 1.65 9.51
N VAL A 35 -20.81 0.95 9.14
CA VAL A 35 -20.72 -0.31 8.42
C VAL A 35 -21.61 -0.27 7.18
N SER A 36 -21.07 -0.69 6.03
CA SER A 36 -21.86 -0.86 4.83
C SER A 36 -21.64 -2.24 4.24
N TRP A 37 -22.64 -2.70 3.49
CA TRP A 37 -22.59 -4.03 2.89
C TRP A 37 -23.17 -4.01 1.48
N PRO A 38 -22.90 -5.05 0.68
CA PRO A 38 -23.29 -5.02 -0.74
C PRO A 38 -24.78 -4.81 -0.98
N LEU A 39 -25.08 -4.14 -2.09
CA LEU A 39 -26.44 -3.77 -2.45
C LEU A 39 -27.33 -4.96 -2.83
N THR A 40 -26.73 -6.09 -3.22
CA THR A 40 -27.49 -7.31 -3.49
C THR A 40 -27.99 -8.01 -2.22
N TRP A 41 -27.45 -7.63 -1.07
CA TRP A 41 -27.90 -8.16 0.23
C TRP A 41 -29.11 -7.36 0.72
N SER A 42 -29.82 -7.90 1.70
CA SER A 42 -31.01 -7.24 2.23
C SER A 42 -30.65 -6.03 3.10
N GLU A 43 -31.63 -5.15 3.32
CA GLU A 43 -31.46 -4.01 4.22
C GLU A 43 -31.21 -4.40 5.69
N SER A 44 -31.57 -5.63 6.06
CA SER A 44 -31.22 -6.21 7.36
C SER A 44 -29.86 -6.94 7.38
N GLY A 45 -29.10 -6.89 6.29
CA GLY A 45 -27.75 -7.47 6.23
C GLY A 45 -27.68 -8.95 5.87
N ASP A 46 -28.78 -9.52 5.39
CA ASP A 46 -28.84 -10.93 5.01
C ASP A 46 -28.19 -11.09 3.64
N ALA A 47 -27.14 -11.90 3.58
CA ALA A 47 -26.40 -12.17 2.35
C ALA A 47 -26.84 -13.44 1.61
N SER A 48 -27.88 -14.12 2.14
CA SER A 48 -28.43 -15.35 1.56
C SER A 48 -27.36 -16.41 1.32
N GLY A 49 -26.50 -16.62 2.32
CA GLY A 49 -25.45 -17.63 2.26
C GLY A 49 -24.13 -17.20 1.61
N LYS A 50 -24.10 -16.02 0.99
CA LYS A 50 -22.88 -15.53 0.35
C LYS A 50 -21.77 -15.23 1.35
N SER A 51 -20.54 -15.40 0.90
CA SER A 51 -19.35 -15.06 1.67
C SER A 51 -19.00 -13.60 1.42
N ALA A 52 -18.00 -13.10 2.12
CA ALA A 52 -17.58 -11.71 1.95
C ALA A 52 -16.12 -11.50 2.31
N ASN A 53 -15.56 -10.41 1.83
CA ASN A 53 -14.32 -9.87 2.33
C ASN A 53 -14.67 -8.63 3.14
N ALA A 54 -13.67 -8.05 3.80
CA ALA A 54 -13.90 -6.90 4.67
C ALA A 54 -12.74 -5.93 4.58
N VAL A 55 -13.05 -4.64 4.61
CA VAL A 55 -12.04 -3.60 4.69
C VAL A 55 -12.35 -2.73 5.90
N TYR A 56 -11.32 -2.56 6.74
CA TYR A 56 -11.39 -1.75 7.95
C TYR A 56 -10.68 -0.44 7.69
N LEU A 57 -11.33 0.67 8.03
CA LEU A 57 -10.80 2.01 7.75
C LEU A 57 -10.63 2.79 9.05
N VAL A 58 -9.43 3.32 9.27
CA VAL A 58 -9.23 4.30 10.36
C VAL A 58 -9.41 5.71 9.78
N ASP A 59 -9.59 6.72 10.63
CA ASP A 59 -10.21 8.00 10.23
C ASP A 59 -11.54 7.72 9.53
N GLY A 60 -12.33 6.86 10.15
CA GLY A 60 -13.54 6.31 9.54
C GLY A 60 -14.51 7.32 8.95
N ASN A 61 -14.71 8.44 9.65
CA ASN A 61 -15.66 9.46 9.22
C ASN A 61 -15.28 10.10 7.88
N ALA A 62 -14.00 10.10 7.55
CA ALA A 62 -13.48 10.73 6.32
C ALA A 62 -13.43 9.81 5.10
N LEU A 63 -13.52 8.49 5.33
CA LEU A 63 -13.26 7.49 4.28
C LEU A 63 -14.40 6.52 3.97
N PHE A 64 -15.36 6.38 4.90
CA PHE A 64 -16.43 5.39 4.81
C PHE A 64 -17.20 5.43 3.51
N LEU A 65 -17.68 6.62 3.16
CA LEU A 65 -18.56 6.78 2.00
C LEU A 65 -17.83 6.51 0.68
N THR A 66 -16.57 6.93 0.59
CA THR A 66 -15.75 6.73 -0.61
C THR A 66 -15.47 5.25 -0.80
N ALA A 67 -15.09 4.56 0.28
CA ALA A 67 -14.84 3.12 0.20
C ALA A 67 -16.12 2.38 -0.19
N THR A 68 -17.24 2.75 0.43
CA THR A 68 -18.54 2.14 0.15
C THR A 68 -18.91 2.25 -1.34
N GLU A 69 -18.82 3.47 -1.87
CA GLU A 69 -19.24 3.68 -3.25
C GLU A 69 -18.29 3.07 -4.27
N THR A 70 -16.99 3.13 -4.02
CA THR A 70 -16.01 2.49 -4.89
C THR A 70 -16.32 0.99 -5.04
N LEU A 71 -16.60 0.34 -3.91
CA LEU A 71 -16.97 -1.08 -3.93
C LEU A 71 -18.29 -1.34 -4.66
N ARG A 72 -19.27 -0.48 -4.46
CA ARG A 72 -20.59 -0.66 -5.09
C ARG A 72 -20.54 -0.48 -6.60
N ARG A 73 -19.70 0.43 -7.10
CA ARG A 73 -19.47 0.53 -8.54
C ARG A 73 -18.85 -0.74 -9.09
N ARG A 74 -17.80 -1.23 -8.43
CA ARG A 74 -17.13 -2.46 -8.89
C ARG A 74 -18.03 -3.69 -8.80
N GLU A 75 -18.76 -3.82 -7.70
CA GLU A 75 -19.71 -4.94 -7.51
C GLU A 75 -20.83 -4.92 -8.55
N SER A 76 -21.24 -3.73 -9.00
CA SER A 76 -22.20 -3.59 -10.10
C SER A 76 -21.65 -4.10 -11.43
N HIS A 77 -20.39 -3.80 -11.69
CA HIS A 77 -19.71 -4.25 -12.91
C HIS A 77 -19.36 -5.73 -12.88
N ARG A 78 -19.01 -6.24 -11.70
CA ARG A 78 -18.52 -7.59 -11.55
C ARG A 78 -19.37 -8.32 -10.50
N PRO A 79 -20.63 -8.65 -10.85
CA PRO A 79 -21.55 -9.28 -9.86
C PRO A 79 -21.09 -10.62 -9.30
N SER A 80 -20.24 -11.35 -10.02
CA SER A 80 -19.70 -12.63 -9.55
C SER A 80 -18.58 -12.49 -8.51
N GLU A 81 -17.99 -11.30 -8.40
CA GLU A 81 -16.95 -11.06 -7.38
C GLU A 81 -17.53 -11.12 -5.98
N THR A 82 -16.67 -11.50 -5.04
CA THR A 82 -17.04 -11.56 -3.63
C THR A 82 -17.33 -10.15 -3.15
N GLY A 83 -18.46 -9.98 -2.48
CA GLY A 83 -18.86 -8.70 -1.90
C GLY A 83 -17.97 -8.33 -0.73
N THR A 84 -17.88 -7.03 -0.45
CA THR A 84 -17.02 -6.53 0.60
C THR A 84 -17.82 -5.68 1.58
N VAL A 85 -17.65 -5.97 2.86
CA VAL A 85 -18.21 -5.17 3.95
C VAL A 85 -17.18 -4.10 4.32
N VAL A 86 -17.64 -2.87 4.50
CA VAL A 86 -16.79 -1.76 4.93
C VAL A 86 -17.08 -1.49 6.40
N ILE A 87 -16.02 -1.42 7.19
CA ILE A 87 -16.09 -1.10 8.61
C ILE A 87 -15.18 0.11 8.85
N ALA A 88 -15.81 1.25 9.10
CA ALA A 88 -15.09 2.50 9.33
C ALA A 88 -15.09 2.79 10.81
N ILE A 89 -13.90 2.92 11.39
CA ILE A 89 -13.76 3.20 12.82
C ILE A 89 -13.38 4.67 12.97
N GLY A 90 -14.32 5.42 13.54
CA GLY A 90 -14.19 6.86 13.67
C GLY A 90 -14.74 7.34 14.99
N TYR A 91 -15.30 8.55 14.96
CA TYR A 91 -15.60 9.33 16.16
C TYR A 91 -16.96 10.03 16.00
N PRO A 92 -17.62 10.36 17.13
CA PRO A 92 -18.90 11.07 17.10
C PRO A 92 -18.69 12.57 16.86
N ILE A 93 -18.36 12.91 15.62
CA ILE A 93 -18.06 14.27 15.21
C ILE A 93 -19.05 14.67 14.13
N THR A 94 -19.51 15.92 14.18
CA THR A 94 -20.57 16.41 13.29
C THR A 94 -20.17 17.53 12.33
N ASP A 95 -19.28 18.44 12.75
CA ASP A 95 -18.87 19.59 11.94
C ASP A 95 -17.66 19.34 11.02
N SER A 96 -17.09 18.14 11.07
CA SER A 96 -15.87 17.80 10.36
C SER A 96 -15.80 16.29 10.20
N VAL A 97 -14.94 15.81 9.31
CA VAL A 97 -14.73 14.36 9.15
C VAL A 97 -13.44 13.85 9.80
N PHE A 98 -12.65 14.74 10.42
CA PHE A 98 -11.47 14.34 11.20
C PHE A 98 -11.64 14.77 12.64
N SER A 99 -11.11 13.97 13.56
CA SER A 99 -11.11 14.27 14.99
C SER A 99 -9.68 14.43 15.50
N PRO A 100 -9.44 15.41 16.42
CA PRO A 100 -8.12 15.48 17.08
C PRO A 100 -7.71 14.21 17.85
N ARG A 101 -8.69 13.38 18.22
CA ARG A 101 -8.43 12.10 18.91
C ARG A 101 -7.57 11.12 18.10
N ARG A 102 -7.53 11.30 16.79
CA ARG A 102 -6.73 10.42 15.91
C ARG A 102 -5.25 10.36 16.27
N SER A 103 -4.68 11.45 16.78
CA SER A 103 -3.25 11.51 17.11
CA SER A 103 -3.25 11.52 17.11
C SER A 103 -2.87 10.50 18.18
N TYR A 104 -3.72 10.34 19.18
CA TYR A 104 -3.51 9.32 20.22
C TYR A 104 -3.76 7.91 19.68
N ASP A 105 -4.90 7.72 19.02
CA ASP A 105 -5.31 6.40 18.54
C ASP A 105 -4.38 5.78 17.50
N LEU A 106 -3.74 6.61 16.67
CA LEU A 106 -3.01 6.13 15.51
C LEU A 106 -1.49 6.09 15.65
N THR A 107 -0.92 6.68 16.70
CA THR A 107 0.53 6.68 16.90
C THR A 107 0.95 5.61 17.89
N PRO A 108 2.03 4.86 17.57
CA PRO A 108 2.45 3.79 18.47
C PRO A 108 3.18 4.28 19.71
N PRO A 109 3.13 3.51 20.81
CA PRO A 109 3.89 3.88 22.00
C PRO A 109 5.37 3.67 21.76
N CYS A 110 6.19 4.62 22.23
CA CYS A 110 7.62 4.63 22.00
C CYS A 110 8.35 4.91 23.30
N ASP A 111 9.59 4.44 23.40
CA ASP A 111 10.43 4.69 24.57
C ASP A 111 10.78 6.17 24.68
N HIS A 112 11.02 6.81 23.54
CA HIS A 112 11.27 8.26 23.48
C HIS A 112 10.33 8.91 22.46
N TYR A 113 9.92 10.14 22.76
CA TYR A 113 8.98 10.89 21.93
C TYR A 113 9.53 12.28 21.58
N ILE A 114 9.44 12.61 20.29
CA ILE A 114 9.82 13.91 19.75
C ILE A 114 8.57 14.49 19.10
N PRO A 115 8.03 15.61 19.62
CA PRO A 115 6.79 16.15 19.04
C PRO A 115 6.93 16.66 17.60
N PRO A 116 5.83 16.63 16.82
CA PRO A 116 5.85 17.23 15.49
C PRO A 116 6.02 18.75 15.50
N GLU A 117 6.51 19.27 14.37
CA GLU A 117 6.65 20.71 14.16
C GLU A 117 5.31 21.30 13.76
N GLY A 118 5.01 22.49 14.28
CA GLY A 118 3.78 23.20 13.96
C GLY A 118 3.81 23.77 12.55
N GLY A 121 6.97 27.35 12.85
CA GLY A 121 7.28 25.93 13.01
C GLY A 121 7.86 25.59 14.38
N SER A 122 7.12 25.95 15.43
CA SER A 122 7.49 25.62 16.81
C SER A 122 7.04 24.19 17.12
N PRO A 123 7.50 23.63 18.26
CA PRO A 123 6.99 22.31 18.64
C PRO A 123 5.48 22.32 18.88
N LYS A 124 4.80 21.27 18.41
CA LYS A 124 3.35 21.18 18.52
C LYS A 124 2.97 19.83 19.16
N PRO A 125 3.05 19.74 20.49
CA PRO A 125 2.71 18.48 21.15
C PRO A 125 1.23 18.13 21.01
N GLU A 126 0.98 16.82 20.95
CA GLU A 126 -0.37 16.28 20.87
C GLU A 126 -0.35 14.95 21.62
N ALA A 127 -1.52 14.44 21.97
CA ALA A 127 -1.62 13.13 22.61
C ALA A 127 -1.12 12.05 21.63
N HIS A 128 -0.45 11.04 22.18
CA HIS A 128 0.24 10.04 21.36
C HIS A 128 0.41 8.72 22.10
N GLY A 129 0.64 7.66 21.33
CA GLY A 129 1.01 6.35 21.87
C GLY A 129 -0.10 5.36 22.17
N GLY A 130 -1.30 5.62 21.64
CA GLY A 130 -2.46 4.74 21.85
C GLY A 130 -2.73 3.69 20.78
N ALA A 131 -1.79 3.48 19.86
CA ALA A 131 -2.04 2.58 18.71
C ALA A 131 -2.22 1.12 19.08
N ASP A 132 -1.46 0.64 20.07
CA ASP A 132 -1.62 -0.74 20.53
C ASP A 132 -2.99 -0.96 21.16
N GLU A 133 -3.46 0.01 21.95
CA GLU A 133 -4.81 -0.02 22.53
C GLU A 133 -5.89 -0.02 21.45
N PHE A 134 -5.72 0.83 20.44
CA PHE A 134 -6.66 0.96 19.34
C PHE A 134 -6.71 -0.30 18.46
N LEU A 135 -5.56 -0.87 18.20
CA LEU A 135 -5.45 -2.09 17.43
C LEU A 135 -6.09 -3.27 18.14
N THR A 136 -5.89 -3.34 19.46
CA THR A 136 -6.57 -4.32 20.31
C THR A 136 -8.09 -4.13 20.25
N PHE A 137 -8.54 -2.88 20.31
CA PHE A 137 -9.96 -2.52 20.22
C PHE A 137 -10.57 -2.99 18.90
N ILE A 138 -9.88 -2.75 17.79
CA ILE A 138 -10.38 -3.17 16.47
C ILE A 138 -10.46 -4.70 16.38
N ALA A 139 -9.39 -5.36 16.79
CA ALA A 139 -9.27 -6.82 16.67
C ALA A 139 -10.15 -7.61 17.64
N GLU A 140 -10.33 -7.10 18.86
CA GLU A 140 -11.02 -7.84 19.93
C GLU A 140 -12.45 -7.37 20.23
N ILE A 141 -12.80 -6.13 19.85
CA ILE A 141 -14.12 -5.56 20.12
C ILE A 141 -14.90 -5.32 18.82
N VAL A 142 -14.33 -4.53 17.91
CA VAL A 142 -15.05 -4.13 16.69
C VAL A 142 -15.23 -5.30 15.74
N ARG A 143 -14.12 -5.96 15.41
CA ARG A 143 -14.16 -7.04 14.43
C ARG A 143 -15.08 -8.20 14.83
N PRO A 144 -14.99 -8.69 16.08
CA PRO A 144 -15.92 -9.73 16.51
C PRO A 144 -17.39 -9.29 16.54
N PHE A 145 -17.65 -8.03 16.88
CA PHE A 145 -19.01 -7.50 16.81
C PHE A 145 -19.56 -7.60 15.39
N VAL A 146 -18.76 -7.17 14.41
CA VAL A 146 -19.19 -7.20 13.01
C VAL A 146 -19.37 -8.66 12.53
N GLU A 147 -18.41 -9.51 12.84
CA GLU A 147 -18.42 -10.89 12.36
C GLU A 147 -19.45 -11.79 13.08
N LEU A 148 -19.54 -11.65 14.40
CA LEU A 148 -20.37 -12.55 15.21
C LEU A 148 -21.76 -12.04 15.54
N LYS A 149 -21.96 -10.71 15.57
CA LYS A 149 -23.27 -10.12 15.87
C LYS A 149 -23.99 -9.55 14.63
N VAL A 150 -23.27 -8.80 13.81
CA VAL A 150 -23.86 -8.13 12.65
C VAL A 150 -24.05 -9.11 11.48
N PHE A 151 -23.00 -9.87 11.16
CA PHE A 151 -23.01 -10.80 10.02
C PHE A 151 -22.64 -12.25 10.40
N PRO A 152 -23.34 -12.85 11.40
CA PRO A 152 -23.00 -14.20 11.89
C PRO A 152 -23.07 -15.33 10.84
N ARG A 153 -23.90 -15.16 9.81
CA ARG A 153 -24.03 -16.19 8.76
C ARG A 153 -23.11 -15.97 7.55
N VAL A 154 -22.22 -14.97 7.62
CA VAL A 154 -21.30 -14.65 6.52
C VAL A 154 -19.89 -15.14 6.87
N SER A 155 -19.34 -15.99 6.00
CA SER A 155 -17.94 -16.40 6.11
C SER A 155 -17.06 -15.31 5.51
N PHE A 156 -16.16 -14.76 6.32
CA PHE A 156 -15.26 -13.68 5.87
C PHE A 156 -13.94 -14.25 5.39
N GLY A 157 -13.57 -13.89 4.16
CA GLY A 157 -12.41 -14.48 3.50
C GLY A 157 -11.13 -13.71 3.71
N ARG A 158 -11.09 -12.49 3.19
CA ARG A 158 -9.91 -11.65 3.21
C ARG A 158 -10.25 -10.38 3.98
N THR A 159 -9.34 -9.94 4.87
CA THR A 159 -9.52 -8.70 5.61
C THR A 159 -8.42 -7.71 5.27
N ALA A 160 -8.78 -6.43 5.21
CA ALA A 160 -7.83 -5.38 4.90
C ALA A 160 -7.95 -4.23 5.88
N LEU A 161 -6.83 -3.55 6.11
CA LEU A 161 -6.76 -2.32 6.89
C LEU A 161 -6.25 -1.20 5.99
N PHE A 162 -7.01 -0.12 5.89
CA PHE A 162 -6.59 1.10 5.20
C PHE A 162 -6.49 2.25 6.17
N GLY A 163 -5.41 3.02 6.04
CA GLY A 163 -5.26 4.29 6.73
C GLY A 163 -4.43 5.26 5.91
N HIS A 164 -4.70 6.56 6.08
CA HIS A 164 -3.97 7.64 5.43
C HIS A 164 -3.29 8.52 6.48
N SER A 165 -2.07 8.98 6.16
CA SER A 165 -1.28 9.86 7.03
CA SER A 165 -1.29 9.85 7.03
C SER A 165 -0.96 9.14 8.37
N TYR A 166 -1.38 9.66 9.52
CA TYR A 166 -1.25 8.88 10.76
C TYR A 166 -1.92 7.51 10.65
N GLY A 167 -3.02 7.43 9.89
CA GLY A 167 -3.65 6.15 9.57
C GLY A 167 -2.73 5.18 8.86
N GLY A 168 -1.91 5.69 7.95
CA GLY A 168 -0.91 4.88 7.24
C GLY A 168 0.20 4.42 8.16
N LEU A 169 0.63 5.32 9.05
CA LEU A 169 1.57 4.97 10.11
C LEU A 169 1.02 3.83 10.96
N PHE A 170 -0.25 3.95 11.35
CA PHE A 170 -0.96 2.93 12.11
C PHE A 170 -1.00 1.59 11.38
N ALA A 171 -1.34 1.61 10.10
CA ALA A 171 -1.31 0.41 9.26
C ALA A 171 0.06 -0.27 9.23
N LEU A 172 1.12 0.53 9.07
CA LEU A 172 2.49 0.01 9.11
C LEU A 172 2.83 -0.58 10.48
N HIS A 173 2.47 0.12 11.54
CA HIS A 173 2.66 -0.41 12.91
C HIS A 173 1.97 -1.77 13.11
N ALA A 174 0.73 -1.90 12.63
CA ALA A 174 0.01 -3.16 12.69
C ALA A 174 0.77 -4.26 11.94
N LEU A 175 1.15 -3.98 10.69
CA LEU A 175 1.94 -4.92 9.89
C LEU A 175 3.23 -5.39 10.59
N PHE A 176 4.01 -4.44 11.12
CA PHE A 176 5.34 -4.75 11.63
C PHE A 176 5.33 -5.45 12.99
N THR A 177 4.32 -5.18 13.82
CA THR A 177 4.25 -5.75 15.17
C THR A 177 3.24 -6.89 15.33
N LYS A 178 2.20 -6.91 14.51
CA LYS A 178 1.17 -7.96 14.57
C LYS A 178 0.73 -8.30 13.14
N PRO A 179 1.64 -8.87 12.32
CA PRO A 179 1.38 -9.05 10.88
C PRO A 179 0.17 -9.91 10.51
N SER A 180 -0.26 -10.81 11.40
CA SER A 180 -1.47 -11.61 11.18
C SER A 180 -2.79 -10.87 11.44
N SER A 181 -2.73 -9.63 11.94
CA SER A 181 -3.94 -8.83 12.23
CA SER A 181 -3.95 -8.88 12.26
C SER A 181 -4.89 -8.73 11.05
N PHE A 182 -4.31 -8.43 9.89
CA PHE A 182 -5.05 -8.30 8.63
C PHE A 182 -4.29 -9.02 7.53
N ASP A 183 -4.99 -9.44 6.49
CA ASP A 183 -4.35 -10.06 5.32
C ASP A 183 -3.63 -9.03 4.46
N VAL A 184 -4.25 -7.86 4.34
CA VAL A 184 -3.80 -6.79 3.45
C VAL A 184 -3.73 -5.47 4.23
N TYR A 185 -2.63 -4.75 4.04
CA TYR A 185 -2.42 -3.44 4.65
C TYR A 185 -2.29 -2.41 3.54
N LEU A 186 -3.05 -1.35 3.65
CA LEU A 186 -3.07 -0.28 2.68
C LEU A 186 -2.66 0.97 3.43
N ALA A 187 -1.39 1.34 3.27
CA ALA A 187 -0.79 2.48 3.98
C ALA A 187 -0.62 3.62 2.98
N ALA A 188 -1.55 4.57 3.03
CA ALA A 188 -1.59 5.70 2.11
C ALA A 188 -0.93 6.92 2.75
N SER A 189 0.07 7.49 2.06
CA SER A 189 0.84 8.62 2.57
C SER A 189 1.22 8.45 4.04
N PRO A 190 1.82 7.30 4.40
CA PRO A 190 2.07 7.03 5.82
C PRO A 190 3.06 8.02 6.41
N SER A 191 2.80 8.46 7.64
CA SER A 191 3.64 9.44 8.31
C SER A 191 4.93 8.80 8.83
N ILE A 192 5.76 8.34 7.90
CA ILE A 192 7.00 7.62 8.22
C ILE A 192 7.93 8.54 9.03
N TRP A 193 7.96 9.82 8.67
CA TRP A 193 8.68 10.87 9.43
C TRP A 193 8.44 10.90 10.94
N TRP A 194 7.24 10.50 11.38
CA TRP A 194 6.81 10.67 12.77
C TRP A 194 7.81 10.19 13.82
N ASN A 195 8.05 11.05 14.81
CA ASN A 195 8.92 10.75 15.94
C ASN A 195 10.30 10.25 15.49
N ASN A 196 10.99 11.08 14.73
CA ASN A 196 12.31 10.75 14.19
C ASN A 196 12.32 9.39 13.48
N ARG A 197 11.28 9.15 12.67
CA ARG A 197 11.12 7.92 11.91
C ARG A 197 11.18 6.64 12.75
N SER A 198 10.51 6.67 13.90
CA SER A 198 10.50 5.51 14.81
C SER A 198 9.90 4.25 14.18
N ILE A 199 9.00 4.39 13.20
CA ILE A 199 8.40 3.23 12.51
C ILE A 199 9.43 2.35 11.80
N LEU A 200 10.56 2.94 11.38
CA LEU A 200 11.63 2.20 10.72
C LEU A 200 12.36 1.23 11.65
N THR A 201 12.42 1.56 12.94
CA THR A 201 12.88 0.61 13.96
C THR A 201 12.01 -0.64 13.95
N GLU A 202 10.69 -0.44 13.93
CA GLU A 202 9.74 -1.56 13.87
C GLU A 202 9.83 -2.31 12.53
N ALA A 203 9.98 -1.57 11.44
CA ALA A 203 10.18 -2.17 10.10
C ALA A 203 11.39 -3.12 10.06
N ARG A 204 12.51 -2.68 10.63
CA ARG A 204 13.74 -3.47 10.62
C ARG A 204 13.68 -4.68 11.55
N ARG A 205 12.98 -4.54 12.68
CA ARG A 205 12.70 -5.69 13.56
C ARG A 205 11.81 -6.70 12.83
N PHE A 206 10.81 -6.21 12.11
CA PHE A 206 9.96 -7.06 11.27
C PHE A 206 10.77 -7.76 10.17
N ILE A 207 11.63 -7.00 9.50
CA ILE A 207 12.50 -7.55 8.46
C ILE A 207 13.42 -8.66 9.03
N SER A 208 13.93 -8.46 10.25
CA SER A 208 14.79 -9.45 10.90
C SER A 208 14.02 -10.69 11.36
N GLY A 209 13.03 -10.49 12.23
CA GLY A 209 12.24 -11.58 12.81
C GLY A 209 11.19 -12.11 11.84
N PHE A 213 6.93 -14.32 13.95
CA PHE A 213 5.92 -14.06 12.93
C PHE A 213 5.94 -15.10 11.81
N SER A 214 6.14 -16.37 12.15
CA SER A 214 6.34 -17.45 11.17
C SER A 214 5.12 -17.69 10.28
N SER A 215 3.93 -17.74 10.91
CA SER A 215 2.68 -17.93 10.19
C SER A 215 2.00 -16.59 9.89
N ALA A 216 2.56 -15.87 8.93
CA ALA A 216 1.95 -14.65 8.40
C ALA A 216 2.48 -14.40 6.99
N HIS A 217 1.58 -14.10 6.06
CA HIS A 217 1.93 -13.83 4.66
C HIS A 217 1.29 -12.53 4.22
N PRO A 218 1.67 -11.41 4.85
CA PRO A 218 0.97 -10.16 4.61
C PRO A 218 1.22 -9.54 3.24
N VAL A 219 0.26 -8.72 2.81
CA VAL A 219 0.34 -7.95 1.58
C VAL A 219 0.32 -6.48 1.98
N LEU A 220 1.17 -5.67 1.37
CA LEU A 220 1.22 -4.22 1.62
C LEU A 220 1.13 -3.43 0.33
N ARG A 221 0.30 -2.39 0.32
CA ARG A 221 0.31 -1.37 -0.73
C ARG A 221 0.65 -0.04 -0.09
N LEU A 222 1.77 0.56 -0.52
CA LEU A 222 2.17 1.90 -0.13
C LEU A 222 1.76 2.87 -1.21
N SER A 223 1.43 4.10 -0.83
CA SER A 223 1.15 5.13 -1.81
C SER A 223 1.44 6.52 -1.29
N PHE A 224 1.61 7.46 -2.22
CA PHE A 224 1.79 8.86 -1.89
C PHE A 224 1.49 9.71 -3.11
N GLY A 225 1.20 10.98 -2.88
CA GLY A 225 1.05 11.94 -3.98
C GLY A 225 2.39 12.56 -4.31
N SER A 226 2.65 12.78 -5.60
CA SER A 226 3.96 13.32 -6.03
C SER A 226 4.28 14.69 -5.43
N ARG A 227 3.25 15.50 -5.18
CA ARG A 227 3.43 16.83 -4.63
C ARG A 227 3.68 16.88 -3.11
N GLU A 228 3.56 15.75 -2.42
CA GLU A 228 3.70 15.74 -0.97
C GLU A 228 5.09 16.21 -0.51
N GLN A 229 6.14 15.68 -1.14
CA GLN A 229 7.51 16.16 -0.89
C GLN A 229 7.89 17.37 -1.77
N TYR A 230 7.20 17.54 -2.89
CA TYR A 230 7.50 18.60 -3.86
C TYR A 230 6.27 19.48 -4.11
N PRO A 231 5.90 20.32 -3.13
CA PRO A 231 4.68 21.10 -3.26
C PRO A 231 4.71 22.13 -4.39
N VAL A 232 3.53 22.42 -4.91
CA VAL A 232 3.32 23.36 -6.00
C VAL A 232 2.44 24.48 -5.47
N ARG A 233 2.85 25.72 -5.72
CA ARG A 233 2.11 26.86 -5.20
C ARG A 233 0.74 26.94 -5.84
N GLN A 234 -0.29 27.07 -5.00
CA GLN A 234 -1.66 27.15 -5.50
C GLN A 234 -1.94 28.56 -5.98
N ARG A 235 -2.97 28.68 -6.83
CA ARG A 235 -3.29 29.93 -7.51
C ARG A 235 -3.48 31.08 -6.52
N VAL A 236 -4.24 30.82 -5.47
CA VAL A 236 -4.47 31.76 -4.38
C VAL A 236 -3.75 31.19 -3.15
N GLU A 237 -2.55 31.71 -2.90
CA GLU A 237 -1.75 31.31 -1.74
C GLU A 237 -0.65 32.34 -1.53
N SER A 238 -0.47 32.78 -0.29
CA SER A 238 0.57 33.76 0.03
C SER A 238 1.95 33.13 -0.03
N ASP A 239 2.97 33.98 -0.18
CA ASP A 239 4.36 33.52 -0.26
C ASP A 239 4.74 32.72 0.98
N GLU A 240 4.49 33.29 2.15
CA GLU A 240 4.87 32.65 3.40
C GLU A 240 4.10 31.37 3.68
N MET A 241 2.82 31.32 3.33
CA MET A 241 2.05 30.09 3.49
C MET A 241 2.57 28.97 2.59
N PHE A 242 2.98 29.30 1.36
CA PHE A 242 3.63 28.33 0.48
C PHE A 242 4.98 27.87 1.03
N LYS A 243 5.79 28.80 1.53
CA LYS A 243 7.09 28.45 2.09
C LYS A 243 6.98 27.57 3.34
N ARG A 244 5.95 27.80 4.15
CA ARG A 244 5.61 26.90 5.26
C ARG A 244 5.36 25.47 4.77
N ARG A 245 4.60 25.33 3.69
CA ARG A 245 4.34 24.02 3.09
C ARG A 245 5.63 23.38 2.55
N GLN A 246 6.50 24.18 1.94
CA GLN A 246 7.82 23.69 1.51
C GLN A 246 8.66 23.17 2.67
N ARG A 247 8.66 23.91 3.78
CA ARG A 247 9.40 23.51 4.98
C ARG A 247 8.91 22.15 5.49
N ALA A 248 7.60 22.05 5.72
CA ALA A 248 6.97 20.81 6.19
C ALA A 248 7.24 19.65 5.24
N ALA A 249 7.10 19.90 3.93
CA ALA A 249 7.34 18.88 2.90
C ALA A 249 8.77 18.31 2.92
N GLU A 250 9.76 19.18 3.07
CA GLU A 250 11.17 18.74 3.10
C GLU A 250 11.48 17.93 4.36
N GLN A 251 10.92 18.34 5.51
CA GLN A 251 11.12 17.60 6.77
C GLN A 251 10.45 16.23 6.75
N ARG A 252 9.24 16.18 6.22
CA ARG A 252 8.43 14.96 6.24
C ARG A 252 8.84 13.94 5.19
N ARG A 253 9.41 14.42 4.08
CA ARG A 253 10.11 13.56 3.13
C ARG A 253 9.23 12.37 2.69
N MET A 254 7.97 12.66 2.38
CA MET A 254 6.97 11.62 2.14
C MET A 254 7.37 10.67 1.01
N ASN A 255 7.74 11.24 -0.14
CA ASN A 255 8.00 10.47 -1.36
C ASN A 255 9.21 9.54 -1.18
N ASP A 256 10.32 10.10 -0.72
CA ASP A 256 11.54 9.31 -0.53
C ASP A 256 11.43 8.29 0.61
N ASN A 257 10.78 8.67 1.72
CA ASN A 257 10.56 7.71 2.82
C ASN A 257 9.75 6.49 2.36
N CYS A 258 8.68 6.74 1.60
CA CYS A 258 7.86 5.65 1.04
C CYS A 258 8.64 4.75 0.10
N GLU A 259 9.34 5.35 -0.86
CA GLU A 259 10.12 4.59 -1.85
C GLU A 259 11.22 3.77 -1.19
N GLU A 260 11.89 4.35 -0.20
CA GLU A 260 12.95 3.65 0.53
C GLU A 260 12.41 2.51 1.38
N LEU A 261 11.27 2.72 2.04
CA LEU A 261 10.62 1.65 2.79
C LEU A 261 10.19 0.52 1.88
N TYR A 262 9.59 0.87 0.73
CA TYR A 262 9.27 -0.10 -0.30
C TYR A 262 10.50 -0.93 -0.69
N SER A 263 11.60 -0.25 -0.99
CA SER A 263 12.85 -0.90 -1.41
C SER A 263 13.39 -1.86 -0.34
N GLU A 264 13.40 -1.42 0.91
CA GLU A 264 13.84 -2.26 2.04
C GLU A 264 12.99 -3.51 2.18
N LEU A 265 11.67 -3.32 2.18
CA LEU A 265 10.74 -4.44 2.32
C LEU A 265 10.82 -5.40 1.14
N LEU A 266 10.93 -4.86 -0.07
CA LEU A 266 11.10 -5.66 -1.27
C LEU A 266 12.33 -6.58 -1.18
N ALA A 267 13.47 -5.98 -0.80
CA ALA A 267 14.74 -6.71 -0.69
C ALA A 267 14.73 -7.79 0.40
N SER A 268 13.92 -7.59 1.44
CA SER A 268 13.78 -8.58 2.52
C SER A 268 13.06 -9.85 2.05
N GLY A 269 12.11 -9.71 1.13
CA GLY A 269 11.29 -10.82 0.66
C GLY A 269 10.31 -11.37 1.69
N ARG A 270 10.02 -10.58 2.72
CA ARG A 270 9.15 -11.01 3.82
C ARG A 270 7.66 -10.82 3.53
N LEU A 271 7.32 -10.07 2.47
CA LEU A 271 5.94 -9.86 2.07
C LEU A 271 5.56 -10.74 0.87
N CYS A 272 4.33 -11.26 0.92
CA CYS A 272 3.75 -12.10 -0.13
C CYS A 272 3.56 -11.30 -1.42
N LYS A 273 3.06 -10.07 -1.26
CA LYS A 273 2.95 -9.12 -2.35
C LYS A 273 3.17 -7.72 -1.80
N LEU A 274 3.85 -6.90 -2.58
CA LEU A 274 4.24 -5.56 -2.18
C LEU A 274 4.16 -4.62 -3.39
N GLU A 275 3.56 -3.46 -3.21
CA GLU A 275 3.37 -2.50 -4.28
C GLU A 275 3.48 -1.09 -3.72
N VAL A 276 4.09 -0.20 -4.51
CA VAL A 276 4.12 1.22 -4.20
C VAL A 276 3.57 1.97 -5.42
N LYS A 277 2.78 3.01 -5.15
CA LYS A 277 2.19 3.83 -6.21
C LYS A 277 2.37 5.30 -5.87
N GLU A 278 3.00 6.04 -6.79
CA GLU A 278 3.08 7.49 -6.72
C GLU A 278 1.93 8.03 -7.57
N TYR A 279 1.08 8.85 -6.95
CA TYR A 279 -0.04 9.48 -7.66
C TYR A 279 0.42 10.85 -8.16
N LEU A 280 0.61 10.98 -9.47
CA LEU A 280 1.13 12.22 -10.05
C LEU A 280 0.19 13.40 -9.82
N ASP A 281 0.78 14.54 -9.43
CA ASP A 281 0.08 15.81 -9.24
C ASP A 281 -0.89 15.87 -8.05
N GLU A 282 -0.88 14.86 -7.19
CA GLU A 282 -1.74 14.86 -6.01
C GLU A 282 -0.93 15.30 -4.79
N ASP A 283 -1.60 16.01 -3.89
CA ASP A 283 -1.01 16.48 -2.63
C ASP A 283 -1.56 15.61 -1.48
N HIS A 284 -1.21 15.97 -0.24
CA HIS A 284 -1.55 15.14 0.94
C HIS A 284 -3.07 14.93 1.10
N GLY A 285 -3.85 15.96 0.80
CA GLY A 285 -5.31 15.88 0.84
C GLY A 285 -5.92 15.28 -0.42
N SER A 286 -5.52 15.77 -1.59
CA SER A 286 -6.13 15.34 -2.85
C SER A 286 -5.83 13.87 -3.19
N VAL A 287 -4.76 13.31 -2.63
CA VAL A 287 -4.43 11.91 -2.90
C VAL A 287 -5.34 10.90 -2.19
N ILE A 288 -6.10 11.33 -1.18
CA ILE A 288 -6.90 10.40 -0.37
C ILE A 288 -7.88 9.60 -1.22
N GLY A 289 -8.68 10.30 -2.02
CA GLY A 289 -9.67 9.67 -2.91
C GLY A 289 -9.06 8.66 -3.86
N PRO A 290 -8.08 9.09 -4.68
CA PRO A 290 -7.38 8.16 -5.59
C PRO A 290 -6.69 6.99 -4.89
N ALA A 291 -6.04 7.24 -3.76
CA ALA A 291 -5.32 6.19 -3.02
C ALA A 291 -6.27 5.18 -2.37
N LEU A 292 -7.41 5.66 -1.86
CA LEU A 292 -8.43 4.77 -1.31
C LEU A 292 -9.08 3.95 -2.40
N SER A 293 -9.50 4.62 -3.48
CA SER A 293 -10.06 3.93 -4.64
CA SER A 293 -10.06 3.93 -4.64
C SER A 293 -9.09 2.88 -5.16
N GLY A 294 -7.82 3.27 -5.33
CA GLY A 294 -6.76 2.37 -5.79
C GLY A 294 -6.52 1.19 -4.87
N GLY A 295 -6.55 1.44 -3.56
CA GLY A 295 -6.42 0.38 -2.56
C GLY A 295 -7.57 -0.62 -2.62
N ILE A 296 -8.79 -0.12 -2.82
CA ILE A 296 -9.97 -0.97 -2.97
C ILE A 296 -9.83 -1.86 -4.22
N MET A 297 -9.42 -1.26 -5.34
CA MET A 297 -9.20 -2.03 -6.57
C MET A 297 -8.09 -3.07 -6.42
N PHE A 298 -7.00 -2.66 -5.77
CA PHE A 298 -5.89 -3.56 -5.45
C PHE A 298 -6.37 -4.76 -4.64
N LEU A 299 -7.17 -4.47 -3.61
CA LEU A 299 -7.76 -5.51 -2.76
C LEU A 299 -8.64 -6.48 -3.55
N SER A 300 -9.56 -5.93 -4.36
CA SER A 300 -10.46 -6.74 -5.18
C SER A 300 -9.72 -7.58 -6.25
N ASN A 301 -8.59 -7.06 -6.75
CA ASN A 301 -7.78 -7.79 -7.74
C ASN A 301 -7.02 -9.00 -7.17
N LEU A 302 -6.85 -9.06 -5.85
CA LEU A 302 -6.22 -10.22 -5.20
C LEU A 302 -7.07 -11.49 -5.22
N SER A 303 -8.38 -11.36 -5.43
CA SER A 303 -9.30 -12.51 -5.35
C SER A 303 -9.02 -13.60 -6.38
N ALA A 304 -8.80 -13.21 -7.63
CA ALA A 304 -8.61 -14.15 -8.74
C ALA A 304 -7.47 -15.14 -8.49
N THR B 3 -12.52 -3.42 30.36
CA THR B 3 -13.37 -2.29 29.86
C THR B 3 -14.72 -2.82 29.39
N HIS B 4 -15.79 -2.16 29.84
CA HIS B 4 -17.14 -2.57 29.50
C HIS B 4 -17.65 -1.68 28.38
N TRP B 5 -17.46 -2.19 27.16
CA TRP B 5 -17.87 -1.49 25.96
C TRP B 5 -19.37 -1.65 25.81
N ALA B 6 -20.04 -0.54 25.53
CA ALA B 6 -21.49 -0.54 25.32
C ALA B 6 -21.75 -0.13 23.88
N PHE B 7 -22.30 -1.04 23.09
CA PHE B 7 -22.72 -0.76 21.71
C PHE B 7 -24.13 -0.21 21.72
N SER B 8 -24.40 0.80 20.90
CA SER B 8 -25.76 1.29 20.71
C SER B 8 -25.93 1.80 19.29
N PRO B 9 -27.06 1.45 18.62
CA PRO B 9 -27.29 1.97 17.28
C PRO B 9 -27.44 3.50 17.28
N ILE B 10 -26.92 4.15 16.23
CA ILE B 10 -27.08 5.59 16.07
C ILE B 10 -27.46 5.92 14.64
N GLN B 11 -28.20 7.01 14.47
CA GLN B 11 -28.50 7.58 13.16
C GLN B 11 -28.17 9.06 13.19
N PRO B 12 -27.74 9.62 12.04
CA PRO B 12 -27.49 8.98 10.74
C PRO B 12 -26.07 8.43 10.51
N GLY B 13 -25.18 8.55 11.51
CA GLY B 13 -23.76 8.20 11.33
C GLY B 13 -23.10 9.12 10.31
N ALA B 14 -22.32 8.53 9.40
CA ALA B 14 -21.63 9.30 8.36
C ALA B 14 -22.56 9.84 7.27
N ALA B 15 -23.79 9.33 7.19
CA ALA B 15 -24.77 9.78 6.19
C ALA B 15 -25.56 11.01 6.66
N ARG B 16 -24.85 12.03 7.17
CA ARG B 16 -25.49 13.24 7.69
C ARG B 16 -25.51 14.34 6.64
N ASN B 17 -26.42 15.30 6.83
CA ASN B 17 -26.65 16.40 5.90
C ASN B 17 -26.79 15.92 4.46
N MET B 18 -27.70 14.97 4.27
CA MET B 18 -28.09 14.53 2.96
C MET B 18 -29.55 14.10 2.96
N ALA B 19 -30.17 14.20 1.79
CA ALA B 19 -31.59 13.88 1.62
C ALA B 19 -31.78 13.38 0.21
N ALA B 20 -32.94 12.79 -0.04
CA ALA B 20 -33.27 12.29 -1.37
C ALA B 20 -34.73 12.50 -1.71
N TRP B 21 -35.00 12.69 -2.99
CA TRP B 21 -36.35 12.80 -3.50
C TRP B 21 -36.48 11.91 -4.73
N GLN B 22 -37.66 11.33 -4.93
CA GLN B 22 -38.02 10.76 -6.23
C GLN B 22 -38.78 11.82 -6.99
N ILE B 23 -38.43 12.02 -8.26
CA ILE B 23 -39.12 12.94 -9.13
C ILE B 23 -39.87 12.12 -10.17
N ALA B 24 -41.19 12.08 -10.04
CA ALA B 24 -42.07 11.36 -10.96
C ALA B 24 -42.72 12.34 -11.92
N GLY B 25 -43.07 11.86 -13.11
CA GLY B 25 -43.74 12.66 -14.13
C GLY B 25 -43.28 12.40 -15.55
N LYS B 26 -41.98 12.14 -15.73
CA LYS B 26 -41.39 11.98 -17.05
C LYS B 26 -41.77 10.64 -17.68
N LYS B 27 -41.83 10.64 -19.02
CA LYS B 27 -42.18 9.46 -19.84
C LYS B 27 -41.50 8.16 -19.43
N ASP B 28 -40.18 8.21 -19.24
CA ASP B 28 -39.37 7.00 -19.03
C ASP B 28 -39.52 6.37 -17.63
N GLY B 29 -40.02 7.14 -16.67
CA GLY B 29 -40.16 6.68 -15.28
C GLY B 29 -39.58 7.70 -14.31
N PRO B 30 -39.67 7.42 -13.00
CA PRO B 30 -39.18 8.39 -12.02
C PRO B 30 -37.65 8.50 -11.98
N TYR B 31 -37.16 9.66 -11.56
CA TYR B 31 -35.75 9.87 -11.25
C TYR B 31 -35.57 9.95 -9.74
N GLN B 32 -34.37 9.62 -9.28
CA GLN B 32 -33.97 9.77 -7.89
C GLN B 32 -32.87 10.82 -7.82
N ILE B 33 -33.10 11.88 -7.05
N ILE B 33 -33.11 11.87 -7.04
CA ILE B 33 -32.08 12.90 -6.81
CA ILE B 33 -32.12 12.92 -6.79
C ILE B 33 -31.60 12.79 -5.36
C ILE B 33 -31.61 12.78 -5.35
N ASP B 34 -30.29 12.67 -5.19
CA ASP B 34 -29.65 12.64 -3.87
C ASP B 34 -28.92 13.97 -3.73
N VAL B 35 -29.11 14.61 -2.58
CA VAL B 35 -28.53 15.93 -2.32
C VAL B 35 -27.76 15.88 -1.00
N SER B 36 -26.53 16.39 -1.00
CA SER B 36 -25.76 16.56 0.25
C SER B 36 -25.28 18.00 0.32
N TRP B 37 -25.01 18.46 1.54
CA TRP B 37 -24.55 19.82 1.77
C TRP B 37 -23.52 19.86 2.90
N PRO B 38 -22.75 20.97 3.02
CA PRO B 38 -21.66 20.99 3.99
C PRO B 38 -22.05 20.65 5.43
N LEU B 39 -21.12 20.02 6.14
CA LEU B 39 -21.34 19.60 7.52
C LEU B 39 -21.50 20.75 8.52
N THR B 40 -20.99 21.93 8.17
CA THR B 40 -21.17 23.12 9.00
C THR B 40 -22.56 23.77 8.88
N TRP B 41 -23.33 23.37 7.89
CA TRP B 41 -24.72 23.81 7.75
C TRP B 41 -25.62 22.93 8.63
N SER B 42 -26.85 23.37 8.84
CA SER B 42 -27.79 22.64 9.71
C SER B 42 -28.29 21.36 9.04
N GLU B 43 -28.93 20.50 9.84
CA GLU B 43 -29.55 19.27 9.33
C GLU B 43 -30.72 19.53 8.37
N SER B 44 -31.33 20.71 8.45
CA SER B 44 -32.39 21.12 7.54
C SER B 44 -31.90 21.87 6.29
N GLY B 45 -30.58 21.97 6.10
CA GLY B 45 -29.98 22.63 4.94
C GLY B 45 -29.79 24.13 5.04
N ASP B 46 -29.87 24.68 6.26
CA ASP B 46 -29.67 26.12 6.48
C ASP B 46 -28.18 26.45 6.47
N ALA B 47 -27.77 27.31 5.54
CA ALA B 47 -26.37 27.75 5.40
C ALA B 47 -26.06 29.06 6.17
N SER B 48 -27.06 29.63 6.84
CA SER B 48 -26.91 30.86 7.63
C SER B 48 -26.29 32.01 6.82
N GLY B 49 -26.77 32.20 5.61
CA GLY B 49 -26.32 33.30 4.74
C GLY B 49 -25.16 32.97 3.82
N LYS B 50 -24.52 31.82 4.00
CA LYS B 50 -23.38 31.45 3.17
C LYS B 50 -23.82 31.14 1.75
N SER B 51 -22.91 31.45 0.82
CA SER B 51 -23.09 31.13 -0.59
C SER B 51 -22.52 29.75 -0.82
N ALA B 52 -22.68 29.24 -2.03
CA ALA B 52 -22.18 27.89 -2.33
C ALA B 52 -21.98 27.68 -3.81
N ASN B 53 -21.17 26.68 -4.12
CA ASN B 53 -21.10 26.11 -5.46
C ASN B 53 -22.03 24.91 -5.47
N ALA B 54 -22.27 24.37 -6.66
CA ALA B 54 -23.05 23.15 -6.79
C ALA B 54 -22.43 22.27 -7.86
N VAL B 55 -22.36 20.98 -7.56
CA VAL B 55 -21.92 19.99 -8.55
C VAL B 55 -23.07 19.02 -8.83
N TYR B 56 -23.45 18.95 -10.10
CA TYR B 56 -24.53 18.10 -10.59
C TYR B 56 -23.87 16.87 -11.20
N LEU B 57 -24.33 15.68 -10.78
CA LEU B 57 -23.77 14.41 -11.22
C LEU B 57 -24.79 13.59 -11.98
N VAL B 58 -24.43 13.13 -13.18
CA VAL B 58 -25.19 12.10 -13.88
C VAL B 58 -24.59 10.72 -13.54
N ASP B 59 -25.37 9.66 -13.74
CA ASP B 59 -25.15 8.35 -13.06
C ASP B 59 -25.09 8.58 -11.56
N GLY B 60 -26.04 9.34 -11.05
CA GLY B 60 -26.03 9.86 -9.68
C GLY B 60 -25.86 8.80 -8.60
N ASN B 61 -26.46 7.63 -8.79
CA ASN B 61 -26.39 6.54 -7.79
C ASN B 61 -24.96 6.02 -7.57
N ALA B 62 -24.11 6.19 -8.57
CA ALA B 62 -22.73 5.68 -8.56
C ALA B 62 -21.67 6.68 -8.10
N LEU B 63 -22.03 7.96 -8.02
CA LEU B 63 -21.05 9.04 -7.77
C LEU B 63 -21.34 9.93 -6.55
N PHE B 64 -22.56 9.88 -6.02
CA PHE B 64 -23.03 10.81 -4.98
C PHE B 64 -22.16 10.82 -3.72
N LEU B 65 -21.89 9.63 -3.19
CA LEU B 65 -21.14 9.47 -1.94
C LEU B 65 -19.67 9.85 -2.08
N THR B 66 -19.07 9.53 -3.23
CA THR B 66 -17.69 9.89 -3.52
C THR B 66 -17.55 11.40 -3.60
N ALA B 67 -18.44 12.05 -4.35
CA ALA B 67 -18.42 13.50 -4.47
C ALA B 67 -18.60 14.16 -3.10
N THR B 68 -19.60 13.71 -2.37
CA THR B 68 -19.91 14.19 -1.02
C THR B 68 -18.70 14.12 -0.10
N GLU B 69 -18.08 12.96 -0.02
CA GLU B 69 -16.98 12.76 0.93
C GLU B 69 -15.70 13.47 0.51
N THR B 70 -15.42 13.54 -0.79
CA THR B 70 -14.29 14.33 -1.29
C THR B 70 -14.41 15.78 -0.81
N LEU B 71 -15.61 16.34 -0.97
CA LEU B 71 -15.87 17.72 -0.55
C LEU B 71 -15.72 17.90 0.96
N ARG B 72 -16.30 16.98 1.73
CA ARG B 72 -16.25 17.09 3.19
C ARG B 72 -14.84 17.01 3.77
N ARG B 73 -13.98 16.19 3.16
CA ARG B 73 -12.56 16.14 3.55
C ARG B 73 -11.88 17.49 3.30
N ARG B 74 -12.08 18.06 2.11
CA ARG B 74 -11.46 19.35 1.79
C ARG B 74 -12.03 20.48 2.65
N GLU B 75 -13.35 20.51 2.80
CA GLU B 75 -14.04 21.54 3.59
C GLU B 75 -13.62 21.51 5.07
N SER B 76 -13.28 20.32 5.59
CA SER B 76 -12.81 20.20 6.97
CA SER B 76 -12.80 20.18 6.96
C SER B 76 -11.44 20.86 7.14
N HIS B 77 -10.57 20.74 6.14
CA HIS B 77 -9.25 21.36 6.17
C HIS B 77 -9.24 22.83 5.77
N ARG B 78 -10.25 23.23 4.99
CA ARG B 78 -10.33 24.58 4.43
C ARG B 78 -11.70 25.19 4.72
N PRO B 79 -11.98 25.49 6.00
CA PRO B 79 -13.30 26.01 6.36
C PRO B 79 -13.70 27.36 5.73
N SER B 80 -12.72 28.17 5.34
N SER B 80 -12.72 28.16 5.34
CA SER B 80 -12.97 29.46 4.68
CA SER B 80 -12.97 29.45 4.68
C SER B 80 -13.35 29.35 3.20
C SER B 80 -13.35 29.35 3.20
N GLU B 81 -13.12 28.19 2.58
CA GLU B 81 -13.49 27.98 1.17
C GLU B 81 -15.01 27.93 1.01
N THR B 82 -15.48 28.32 -0.16
CA THR B 82 -16.90 28.23 -0.51
C THR B 82 -17.35 26.77 -0.41
N GLY B 83 -18.42 26.53 0.34
CA GLY B 83 -19.03 25.21 0.46
C GLY B 83 -19.69 24.78 -0.84
N THR B 84 -19.87 23.47 -1.00
CA THR B 84 -20.42 22.91 -2.25
C THR B 84 -21.56 21.92 -1.94
N VAL B 85 -22.67 22.10 -2.64
CA VAL B 85 -23.82 21.19 -2.58
C VAL B 85 -23.64 20.18 -3.71
N VAL B 86 -23.91 18.91 -3.41
CA VAL B 86 -23.87 17.84 -4.42
C VAL B 86 -25.31 17.46 -4.79
N ILE B 87 -25.58 17.38 -6.08
CA ILE B 87 -26.89 16.97 -6.60
C ILE B 87 -26.66 15.83 -7.57
N ALA B 88 -26.97 14.63 -7.13
CA ALA B 88 -26.80 13.43 -7.94
C ALA B 88 -28.11 13.07 -8.61
N ILE B 89 -28.11 13.05 -9.96
CA ILE B 89 -29.30 12.71 -10.74
C ILE B 89 -29.21 11.24 -11.13
N GLY B 90 -30.02 10.41 -10.47
CA GLY B 90 -30.00 8.98 -10.68
C GLY B 90 -31.39 8.38 -10.85
N TYR B 91 -31.49 7.10 -10.51
CA TYR B 91 -32.68 6.29 -10.78
C TYR B 91 -33.05 5.52 -9.51
N PRO B 92 -34.34 5.14 -9.38
CA PRO B 92 -34.76 4.36 -8.21
C PRO B 92 -34.37 2.89 -8.36
N ILE B 93 -33.07 2.63 -8.17
CA ILE B 93 -32.49 1.28 -8.28
C ILE B 93 -31.94 0.89 -6.92
N THR B 94 -32.00 -0.40 -6.62
CA THR B 94 -31.69 -0.91 -5.28
C THR B 94 -30.52 -1.91 -5.23
N ASP B 95 -30.39 -2.76 -6.25
CA ASP B 95 -29.36 -3.82 -6.25
C ASP B 95 -28.09 -3.47 -7.04
N SER B 96 -27.99 -2.25 -7.54
CA SER B 96 -26.86 -1.79 -8.35
C SER B 96 -26.80 -0.26 -8.31
N VAL B 97 -25.67 0.32 -8.70
CA VAL B 97 -25.54 1.79 -8.79
C VAL B 97 -25.64 2.32 -10.22
N PHE B 98 -25.85 1.44 -11.20
CA PHE B 98 -26.11 1.88 -12.57
C PHE B 98 -27.45 1.36 -13.07
N SER B 99 -28.07 2.13 -13.96
CA SER B 99 -29.35 1.79 -14.57
C SER B 99 -29.18 1.66 -16.08
N PRO B 100 -29.86 0.68 -16.72
CA PRO B 100 -29.88 0.62 -18.19
C PRO B 100 -30.49 1.86 -18.87
N ARG B 101 -31.30 2.62 -18.13
CA ARG B 101 -31.90 3.87 -18.61
C ARG B 101 -30.87 4.93 -18.99
N ARG B 102 -29.68 4.86 -18.41
CA ARG B 102 -28.60 5.82 -18.70
C ARG B 102 -28.27 5.93 -20.20
N SER B 103 -28.31 4.80 -20.91
CA SER B 103 -28.00 4.77 -22.35
C SER B 103 -28.88 5.72 -23.14
N TYR B 104 -30.17 5.76 -22.82
CA TYR B 104 -31.10 6.69 -23.46
C TYR B 104 -30.90 8.13 -22.95
N ASP B 105 -30.86 8.30 -21.63
CA ASP B 105 -30.74 9.65 -21.04
C ASP B 105 -29.46 10.41 -21.41
N LEU B 106 -28.35 9.70 -21.62
CA LEU B 106 -27.05 10.32 -21.77
C LEU B 106 -26.53 10.47 -23.20
N THR B 107 -27.18 9.84 -24.17
CA THR B 107 -26.75 9.90 -25.57
C THR B 107 -27.56 10.93 -26.37
N PRO B 108 -26.87 11.74 -27.21
CA PRO B 108 -27.57 12.78 -27.95
C PRO B 108 -28.37 12.25 -29.15
N PRO B 109 -29.39 13.00 -29.58
CA PRO B 109 -30.15 12.56 -30.76
C PRO B 109 -29.27 12.67 -32.00
N CYS B 110 -29.44 11.72 -32.92
CA CYS B 110 -28.71 11.68 -34.18
C CYS B 110 -29.63 11.14 -35.28
N ASP B 111 -29.36 11.52 -36.51
CA ASP B 111 -30.16 11.04 -37.66
C ASP B 111 -29.88 9.57 -38.03
N HIS B 112 -28.64 9.12 -37.83
CA HIS B 112 -28.24 7.73 -38.03
C HIS B 112 -27.67 7.16 -36.74
N TYR B 113 -27.81 5.85 -36.55
CA TYR B 113 -27.30 5.16 -35.35
C TYR B 113 -26.50 3.91 -35.70
N ILE B 114 -25.26 3.86 -35.21
CA ILE B 114 -24.39 2.69 -35.31
C ILE B 114 -24.33 2.10 -33.91
N PRO B 115 -24.80 0.85 -33.73
CA PRO B 115 -24.68 0.21 -32.41
C PRO B 115 -23.22 -0.03 -31.99
N PRO B 116 -22.92 0.13 -30.68
CA PRO B 116 -21.57 -0.25 -30.22
C PRO B 116 -21.30 -1.74 -30.36
N GLU B 117 -20.04 -2.10 -30.55
CA GLU B 117 -19.63 -3.50 -30.66
C GLU B 117 -19.59 -4.15 -29.28
N PRO B 123 -22.20 -6.65 -32.01
CA PRO B 123 -23.10 -5.51 -31.97
C PRO B 123 -24.08 -5.60 -30.80
N LYS B 124 -24.24 -4.49 -30.09
CA LYS B 124 -25.03 -4.44 -28.86
C LYS B 124 -25.89 -3.17 -28.87
N PRO B 125 -27.03 -3.19 -29.59
CA PRO B 125 -27.87 -2.01 -29.67
C PRO B 125 -28.59 -1.70 -28.36
N GLU B 126 -28.78 -0.40 -28.09
CA GLU B 126 -29.40 0.08 -26.87
C GLU B 126 -30.34 1.22 -27.23
N ALA B 127 -31.25 1.56 -26.31
CA ALA B 127 -32.05 2.79 -26.44
C ALA B 127 -31.13 4.00 -26.43
N HIS B 128 -31.46 5.01 -27.24
CA HIS B 128 -30.58 6.16 -27.44
C HIS B 128 -31.33 7.43 -27.81
N GLY B 129 -30.66 8.56 -27.59
CA GLY B 129 -31.10 9.86 -28.10
C GLY B 129 -31.91 10.74 -27.17
N GLY B 130 -31.90 10.46 -25.87
CA GLY B 130 -32.66 11.23 -24.89
C GLY B 130 -31.95 12.37 -24.18
N ALA B 131 -30.74 12.72 -24.61
CA ALA B 131 -29.91 13.73 -23.90
C ALA B 131 -30.48 15.15 -23.88
N ASP B 132 -31.13 15.59 -24.96
CA ASP B 132 -31.75 16.93 -24.98
C ASP B 132 -32.89 17.03 -23.96
N GLU B 133 -33.71 15.98 -23.88
CA GLU B 133 -34.79 15.89 -22.91
C GLU B 133 -34.24 15.85 -21.47
N PHE B 134 -33.15 15.09 -21.28
CA PHE B 134 -32.54 14.95 -19.95
C PHE B 134 -31.86 16.24 -19.50
N LEU B 135 -31.17 16.92 -20.40
CA LEU B 135 -30.57 18.22 -20.08
C LEU B 135 -31.62 19.25 -19.69
N THR B 136 -32.72 19.30 -20.45
CA THR B 136 -33.85 20.19 -20.15
C THR B 136 -34.47 19.86 -18.77
N PHE B 137 -34.61 18.57 -18.48
CA PHE B 137 -35.07 18.10 -17.17
C PHE B 137 -34.17 18.60 -16.04
N ILE B 138 -32.85 18.44 -16.20
CA ILE B 138 -31.90 18.88 -15.16
C ILE B 138 -31.96 20.40 -15.00
N ALA B 139 -31.90 21.12 -16.12
CA ALA B 139 -31.85 22.58 -16.12
C ALA B 139 -33.14 23.26 -15.65
N GLU B 140 -34.28 22.72 -16.04
CA GLU B 140 -35.58 23.38 -15.82
C GLU B 140 -36.46 22.77 -14.72
N ILE B 141 -36.18 21.54 -14.32
CA ILE B 141 -36.95 20.88 -13.26
C ILE B 141 -36.10 20.66 -12.00
N VAL B 142 -34.95 20.01 -12.15
CA VAL B 142 -34.13 19.63 -10.99
C VAL B 142 -33.48 20.84 -10.34
N ARG B 143 -32.76 21.64 -11.14
CA ARG B 143 -32.01 22.77 -10.62
C ARG B 143 -32.89 23.83 -9.92
N PRO B 144 -34.04 24.20 -10.54
CA PRO B 144 -34.95 25.12 -9.83
C PRO B 144 -35.51 24.56 -8.53
N PHE B 145 -35.77 23.26 -8.47
CA PHE B 145 -36.19 22.62 -7.21
C PHE B 145 -35.11 22.79 -6.14
N VAL B 146 -33.88 22.43 -6.49
CA VAL B 146 -32.75 22.52 -5.57
C VAL B 146 -32.54 23.98 -5.11
N GLU B 147 -32.51 24.90 -6.05
CA GLU B 147 -32.21 26.31 -5.75
C GLU B 147 -33.35 27.06 -5.06
N LEU B 148 -34.58 26.89 -5.56
CA LEU B 148 -35.73 27.64 -5.04
C LEU B 148 -36.44 26.98 -3.85
N LYS B 149 -36.40 25.65 -3.75
CA LYS B 149 -37.12 24.94 -2.68
C LYS B 149 -36.21 24.37 -1.58
N VAL B 150 -35.09 23.76 -1.94
CA VAL B 150 -34.20 23.14 -0.96
C VAL B 150 -33.29 24.17 -0.29
N PHE B 151 -32.70 25.07 -1.10
CA PHE B 151 -31.72 26.05 -0.61
C PHE B 151 -32.11 27.49 -1.01
N PRO B 152 -33.32 27.93 -0.64
CA PRO B 152 -33.86 29.21 -1.12
C PRO B 152 -33.07 30.47 -0.77
N ARG B 153 -32.30 30.43 0.34
CA ARG B 153 -31.50 31.57 0.76
C ARG B 153 -30.00 31.42 0.46
N VAL B 154 -29.64 30.38 -0.30
CA VAL B 154 -28.26 30.20 -0.74
C VAL B 154 -28.09 30.81 -2.13
N SER B 155 -27.12 31.73 -2.25
N SER B 155 -27.12 31.72 -2.25
CA SER B 155 -26.72 32.26 -3.55
CA SER B 155 -26.70 32.27 -3.54
C SER B 155 -25.67 31.33 -4.14
C SER B 155 -25.67 31.32 -4.15
N PHE B 156 -25.98 30.73 -5.30
CA PHE B 156 -25.06 29.81 -5.96
C PHE B 156 -24.08 30.54 -6.87
N GLY B 157 -22.80 30.27 -6.67
CA GLY B 157 -21.73 30.94 -7.38
C GLY B 157 -21.46 30.27 -8.70
N ARG B 158 -20.77 29.14 -8.64
CA ARG B 158 -20.45 28.33 -9.81
C ARG B 158 -21.15 26.99 -9.72
N THR B 159 -21.72 26.56 -10.84
CA THR B 159 -22.33 25.25 -10.95
C THR B 159 -21.53 24.39 -11.93
N ALA B 160 -21.35 23.12 -11.57
CA ALA B 160 -20.60 22.17 -12.39
C ALA B 160 -21.48 20.98 -12.76
N LEU B 161 -21.18 20.41 -13.92
CA LEU B 161 -21.78 19.16 -14.37
C LEU B 161 -20.65 18.16 -14.53
N PHE B 162 -20.75 17.03 -13.82
CA PHE B 162 -19.83 15.91 -13.97
C PHE B 162 -20.54 14.70 -14.55
N GLY B 163 -19.88 14.05 -15.50
CA GLY B 163 -20.28 12.73 -15.96
C GLY B 163 -19.11 11.91 -16.41
N HIS B 164 -19.27 10.58 -16.31
CA HIS B 164 -18.25 9.64 -16.73
C HIS B 164 -18.80 8.69 -17.81
N SER B 165 -17.96 8.37 -18.79
N SER B 165 -17.95 8.34 -18.78
CA SER B 165 -18.30 7.45 -19.89
CA SER B 165 -18.30 7.44 -19.90
C SER B 165 -19.39 8.07 -20.77
C SER B 165 -19.40 8.08 -20.77
N TYR B 166 -20.58 7.46 -20.88
CA TYR B 166 -21.74 8.12 -21.52
C TYR B 166 -22.12 9.43 -20.79
N GLY B 167 -21.92 9.48 -19.47
CA GLY B 167 -22.07 10.73 -18.72
C GLY B 167 -21.14 11.85 -19.17
N GLY B 168 -19.92 11.48 -19.57
CA GLY B 168 -18.92 12.41 -20.08
C GLY B 168 -19.31 12.90 -21.46
N LEU B 169 -19.79 11.99 -22.29
CA LEU B 169 -20.39 12.35 -23.59
C LEU B 169 -21.54 13.32 -23.37
N PHE B 170 -22.40 13.04 -22.39
CA PHE B 170 -23.51 13.93 -22.05
C PHE B 170 -23.03 15.32 -21.65
N ALA B 171 -21.99 15.38 -20.79
CA ALA B 171 -21.39 16.66 -20.40
C ALA B 171 -20.89 17.48 -21.60
N LEU B 172 -20.26 16.80 -22.56
CA LEU B 172 -19.81 17.45 -23.80
C LEU B 172 -20.97 17.92 -24.66
N HIS B 173 -22.00 17.07 -24.77
CA HIS B 173 -23.24 17.43 -25.48
C HIS B 173 -23.86 18.70 -24.88
N ALA B 174 -23.94 18.77 -23.56
CA ALA B 174 -24.45 19.95 -22.87
C ALA B 174 -23.62 21.20 -23.21
N LEU B 175 -22.29 21.08 -23.07
CA LEU B 175 -21.37 22.17 -23.40
C LEU B 175 -21.57 22.67 -24.83
N PHE B 176 -21.64 21.75 -25.78
CA PHE B 176 -21.70 22.11 -27.20
C PHE B 176 -23.04 22.70 -27.66
N THR B 177 -24.14 22.21 -27.09
CA THR B 177 -25.49 22.64 -27.51
C THR B 177 -26.07 23.76 -26.64
N LYS B 178 -25.80 23.75 -25.34
CA LYS B 178 -26.28 24.77 -24.41
C LYS B 178 -25.17 25.17 -23.44
N PRO B 179 -24.13 25.87 -23.94
CA PRO B 179 -22.94 26.17 -23.12
C PRO B 179 -23.18 26.95 -21.82
N SER B 180 -24.23 27.77 -21.77
N SER B 180 -24.23 27.77 -21.76
CA SER B 180 -24.59 28.51 -20.55
CA SER B 180 -24.60 28.51 -20.54
C SER B 180 -25.32 27.68 -19.49
C SER B 180 -25.28 27.66 -19.47
N SER B 181 -25.57 26.39 -19.76
CA SER B 181 -26.25 25.48 -18.81
C SER B 181 -25.52 25.36 -17.47
N PHE B 182 -24.20 25.26 -17.54
CA PHE B 182 -23.34 25.15 -16.36
C PHE B 182 -22.11 26.01 -16.55
N ASP B 183 -21.49 26.38 -15.44
CA ASP B 183 -20.26 27.17 -15.48
C ASP B 183 -19.04 26.31 -15.79
N VAL B 184 -19.05 25.07 -15.29
CA VAL B 184 -17.90 24.17 -15.34
C VAL B 184 -18.40 22.78 -15.80
N TYR B 185 -17.71 22.22 -16.78
CA TYR B 185 -18.05 20.91 -17.33
C TYR B 185 -16.89 19.98 -17.04
N LEU B 186 -17.21 18.82 -16.46
CA LEU B 186 -16.22 17.83 -16.07
C LEU B 186 -16.57 16.55 -16.80
N ALA B 187 -15.88 16.31 -17.92
CA ALA B 187 -16.16 15.18 -18.79
C ALA B 187 -15.10 14.13 -18.59
N ALA B 188 -15.44 13.10 -17.83
CA ALA B 188 -14.50 12.05 -17.46
C ALA B 188 -14.69 10.86 -18.40
N SER B 189 -13.59 10.44 -19.02
CA SER B 189 -13.57 9.34 -19.97
C SER B 189 -14.76 9.40 -20.95
N PRO B 190 -14.98 10.58 -21.59
CA PRO B 190 -16.18 10.74 -22.40
C PRO B 190 -16.18 9.79 -23.59
N SER B 191 -17.34 9.22 -23.89
CA SER B 191 -17.48 8.25 -24.96
C SER B 191 -17.55 8.96 -26.31
N ILE B 192 -16.47 9.64 -26.68
CA ILE B 192 -16.39 10.44 -27.90
C ILE B 192 -16.57 9.53 -29.12
N TRP B 193 -16.05 8.31 -29.01
CA TRP B 193 -16.22 7.26 -30.01
C TRP B 193 -17.68 6.96 -30.40
N TRP B 194 -18.62 7.20 -29.49
CA TRP B 194 -20.01 6.77 -29.66
C TRP B 194 -20.63 7.15 -31.00
N ASN B 195 -21.25 6.16 -31.63
CA ASN B 195 -21.99 6.34 -32.89
C ASN B 195 -21.08 6.92 -33.97
N ASN B 196 -19.91 6.31 -34.14
CA ASN B 196 -18.91 6.74 -35.13
C ASN B 196 -18.57 8.24 -34.96
N ARG B 197 -18.30 8.63 -33.72
CA ARG B 197 -17.88 10.00 -33.38
C ARG B 197 -18.91 11.08 -33.76
N SER B 198 -20.19 10.79 -33.55
CA SER B 198 -21.27 11.71 -33.94
C SER B 198 -21.27 13.02 -33.18
N ILE B 199 -20.71 13.02 -31.96
CA ILE B 199 -20.54 14.24 -31.14
C ILE B 199 -19.72 15.34 -31.86
N LEU B 200 -18.84 14.95 -32.78
CA LEU B 200 -17.98 15.91 -33.50
C LEU B 200 -18.73 16.93 -34.33
N THR B 201 -19.90 16.58 -34.85
CA THR B 201 -20.74 17.53 -35.59
C THR B 201 -21.10 18.71 -34.67
N GLU B 202 -21.49 18.39 -33.44
CA GLU B 202 -21.84 19.41 -32.44
C GLU B 202 -20.62 20.18 -31.97
N ALA B 203 -19.50 19.48 -31.80
CA ALA B 203 -18.23 20.12 -31.44
C ALA B 203 -17.82 21.18 -32.46
N ARG B 204 -17.93 20.83 -33.74
CA ARG B 204 -17.63 21.78 -34.83
C ARG B 204 -18.54 23.01 -34.79
N ARG B 205 -19.84 22.79 -34.61
CA ARG B 205 -20.81 23.91 -34.54
C ARG B 205 -20.52 24.82 -33.36
N PHE B 206 -20.21 24.22 -32.20
CA PHE B 206 -19.79 24.96 -31.01
C PHE B 206 -18.56 25.82 -31.28
N ILE B 207 -17.53 25.24 -31.91
CA ILE B 207 -16.25 25.91 -32.15
C ILE B 207 -16.38 27.20 -32.95
N SER B 208 -17.19 27.17 -34.00
CA SER B 208 -17.37 28.31 -34.92
CA SER B 208 -17.36 28.33 -34.91
C SER B 208 -18.66 29.10 -34.68
N GLY B 209 -19.45 28.71 -33.68
CA GLY B 209 -20.78 29.27 -33.46
C GLY B 209 -20.97 30.34 -32.38
N ALA B 210 -19.89 30.90 -31.87
CA ALA B 210 -19.99 31.91 -30.80
C ALA B 210 -20.61 33.19 -31.33
N ALA B 211 -21.58 33.73 -30.60
CA ALA B 211 -22.19 35.03 -30.94
C ALA B 211 -21.16 36.15 -30.78
N LEU B 212 -21.41 37.27 -31.46
CA LEU B 212 -20.50 38.41 -31.40
C LEU B 212 -20.38 38.96 -29.99
N PHE B 213 -21.53 39.11 -29.35
CA PHE B 213 -21.62 39.70 -28.02
C PHE B 213 -22.25 38.71 -27.05
N SER B 214 -21.79 38.73 -25.79
CA SER B 214 -22.41 37.97 -24.69
C SER B 214 -22.45 36.44 -24.85
N SER B 215 -21.54 35.87 -25.63
CA SER B 215 -21.43 34.40 -25.74
C SER B 215 -20.82 33.83 -24.46
N ALA B 216 -21.21 32.61 -24.11
CA ALA B 216 -20.70 31.94 -22.92
C ALA B 216 -19.28 31.43 -23.18
N HIS B 217 -18.42 31.60 -22.18
CA HIS B 217 -17.04 31.10 -22.22
C HIS B 217 -16.85 30.14 -21.04
N PRO B 218 -17.34 28.90 -21.16
CA PRO B 218 -17.32 28.00 -20.01
C PRO B 218 -15.94 27.39 -19.72
N VAL B 219 -15.91 26.56 -18.68
CA VAL B 219 -14.71 25.86 -18.26
C VAL B 219 -14.94 24.37 -18.52
N LEU B 220 -13.91 23.69 -19.03
CA LEU B 220 -13.98 22.24 -19.30
C LEU B 220 -12.74 21.52 -18.78
N ARG B 221 -12.97 20.41 -18.08
CA ARG B 221 -11.90 19.50 -17.72
C ARG B 221 -12.19 18.14 -18.34
N LEU B 222 -11.26 17.67 -19.17
CA LEU B 222 -11.29 16.33 -19.74
C LEU B 222 -10.35 15.43 -18.98
N SER B 223 -10.76 14.18 -18.79
CA SER B 223 -9.88 13.19 -18.19
C SER B 223 -10.08 11.81 -18.78
N PHE B 224 -9.07 10.97 -18.60
CA PHE B 224 -9.14 9.55 -18.94
C PHE B 224 -8.07 8.77 -18.19
N GLY B 225 -8.26 7.46 -18.11
CA GLY B 225 -7.26 6.56 -17.55
C GLY B 225 -6.33 6.05 -18.64
N SER B 226 -5.04 5.98 -18.34
CA SER B 226 -4.04 5.57 -19.35
C SER B 226 -4.31 4.18 -19.94
N ARG B 227 -4.85 3.27 -19.13
CA ARG B 227 -5.16 1.91 -19.58
C ARG B 227 -6.43 1.77 -20.44
N GLU B 228 -7.21 2.84 -20.59
CA GLU B 228 -8.43 2.78 -21.38
C GLU B 228 -8.14 2.45 -22.85
N GLN B 229 -7.18 3.14 -23.45
CA GLN B 229 -6.73 2.81 -24.81
C GLN B 229 -5.62 1.75 -24.84
N TYR B 230 -4.89 1.61 -23.74
CA TYR B 230 -3.74 0.70 -23.65
C TYR B 230 -3.90 -0.29 -22.50
N PRO B 231 -4.80 -1.29 -22.68
CA PRO B 231 -5.02 -2.26 -21.58
C PRO B 231 -3.76 -3.06 -21.22
N VAL B 232 -3.69 -3.47 -19.95
CA VAL B 232 -2.58 -4.24 -19.43
C VAL B 232 -3.09 -5.64 -19.17
N ARG B 233 -2.36 -6.63 -19.66
CA ARG B 233 -2.77 -8.03 -19.56
C ARG B 233 -2.67 -8.54 -18.13
N GLN B 234 -3.64 -9.37 -17.76
CA GLN B 234 -3.65 -10.07 -16.48
C GLN B 234 -3.15 -11.49 -16.69
N ARG B 235 -2.58 -12.08 -15.64
CA ARG B 235 -2.02 -13.44 -15.71
C ARG B 235 -3.03 -14.49 -16.16
N VAL B 236 -4.23 -14.43 -15.59
CA VAL B 236 -5.27 -15.44 -15.83
C VAL B 236 -5.83 -15.44 -17.25
N GLU B 237 -5.83 -14.28 -17.90
CA GLU B 237 -6.40 -14.09 -19.23
C GLU B 237 -5.78 -14.95 -20.32
N SER B 238 -6.63 -15.54 -21.15
CA SER B 238 -6.20 -16.19 -22.39
C SER B 238 -5.77 -15.14 -23.41
N ASP B 239 -5.10 -15.59 -24.46
CA ASP B 239 -4.71 -14.72 -25.57
C ASP B 239 -5.92 -14.07 -26.22
N GLU B 240 -6.95 -14.87 -26.52
CA GLU B 240 -8.16 -14.37 -27.17
C GLU B 240 -8.88 -13.33 -26.32
N MET B 241 -9.02 -13.59 -25.02
CA MET B 241 -9.71 -12.62 -24.14
C MET B 241 -8.94 -11.30 -24.02
N PHE B 242 -7.62 -11.34 -23.96
CA PHE B 242 -6.83 -10.11 -23.94
C PHE B 242 -6.90 -9.38 -25.28
N LYS B 243 -6.80 -10.12 -26.38
CA LYS B 243 -6.93 -9.55 -27.73
C LYS B 243 -8.28 -8.85 -27.96
N ARG B 244 -9.35 -9.44 -27.43
CA ARG B 244 -10.68 -8.80 -27.45
C ARG B 244 -10.69 -7.46 -26.71
N ARG B 245 -10.03 -7.40 -25.54
CA ARG B 245 -9.90 -6.13 -24.80
C ARG B 245 -9.07 -5.09 -25.55
N GLN B 246 -7.99 -5.54 -26.20
CA GLN B 246 -7.17 -4.65 -27.02
C GLN B 246 -7.96 -4.06 -28.20
N ARG B 247 -8.74 -4.91 -28.87
CA ARG B 247 -9.59 -4.50 -30.00
C ARG B 247 -10.62 -3.44 -29.58
N ALA B 248 -11.33 -3.70 -28.48
CA ALA B 248 -12.30 -2.75 -27.94
C ALA B 248 -11.65 -1.42 -27.56
N ALA B 249 -10.46 -1.48 -26.98
CA ALA B 249 -9.69 -0.28 -26.61
C ALA B 249 -9.24 0.54 -27.82
N GLU B 250 -8.75 -0.14 -28.85
CA GLU B 250 -8.37 0.53 -30.13
C GLU B 250 -9.54 1.26 -30.76
N GLN B 251 -10.70 0.60 -30.80
CA GLN B 251 -11.93 1.18 -31.38
C GLN B 251 -12.41 2.43 -30.67
N ARG B 252 -12.46 2.36 -29.34
CA ARG B 252 -12.93 3.46 -28.50
C ARG B 252 -11.95 4.64 -28.47
N ARG B 253 -10.64 4.34 -28.61
CA ARG B 253 -9.62 5.38 -28.77
C ARG B 253 -9.74 6.48 -27.71
N MET B 254 -9.92 6.08 -26.46
CA MET B 254 -10.26 7.03 -25.41
C MET B 254 -9.20 8.12 -25.22
N ASN B 255 -7.94 7.70 -25.13
CA ASN B 255 -6.83 8.58 -24.79
C ASN B 255 -6.62 9.63 -25.89
N ASP B 256 -6.45 9.17 -27.11
CA ASP B 256 -6.21 10.07 -28.24
C ASP B 256 -7.39 10.98 -28.59
N ASN B 257 -8.62 10.45 -28.53
CA ASN B 257 -9.83 11.27 -28.76
C ASN B 257 -9.93 12.40 -27.74
N CYS B 258 -9.67 12.09 -26.47
CA CYS B 258 -9.62 13.12 -25.43
C CYS B 258 -8.57 14.20 -25.69
N GLU B 259 -7.36 13.76 -26.01
CA GLU B 259 -6.23 14.67 -26.23
C GLU B 259 -6.45 15.56 -27.44
N GLU B 260 -7.00 14.98 -28.50
CA GLU B 260 -7.27 15.73 -29.74
C GLU B 260 -8.46 16.68 -29.62
N LEU B 261 -9.47 16.31 -28.81
CA LEU B 261 -10.57 17.23 -28.53
C LEU B 261 -10.07 18.42 -27.73
N TYR B 262 -9.24 18.14 -26.71
CA TYR B 262 -8.57 19.20 -25.96
C TYR B 262 -7.84 20.18 -26.90
N SER B 263 -7.04 19.64 -27.81
CA SER B 263 -6.25 20.47 -28.74
C SER B 263 -7.14 21.33 -29.64
N GLU B 264 -8.21 20.73 -30.16
CA GLU B 264 -9.15 21.46 -31.03
C GLU B 264 -9.90 22.56 -30.27
N LEU B 265 -10.37 22.26 -29.06
CA LEU B 265 -11.07 23.25 -28.24
C LEU B 265 -10.14 24.35 -27.72
N LEU B 266 -8.88 24.01 -27.45
CA LEU B 266 -7.89 25.00 -27.04
C LEU B 266 -7.70 26.06 -28.15
N ALA B 267 -7.57 25.59 -29.38
CA ALA B 267 -7.42 26.47 -30.55
C ALA B 267 -8.67 27.33 -30.87
N SER B 268 -9.86 26.86 -30.50
CA SER B 268 -11.10 27.60 -30.73
C SER B 268 -11.18 28.91 -29.93
N GLY B 269 -10.61 28.91 -28.73
CA GLY B 269 -10.66 30.05 -27.83
C GLY B 269 -12.02 30.29 -27.18
N ARG B 270 -12.91 29.31 -27.24
CA ARG B 270 -14.25 29.46 -26.64
C ARG B 270 -14.31 29.19 -25.13
N LEU B 271 -13.34 28.44 -24.61
CA LEU B 271 -13.31 28.11 -23.18
C LEU B 271 -12.37 29.07 -22.46
N CYS B 272 -12.81 29.61 -21.33
N CYS B 272 -12.82 29.59 -21.33
CA CYS B 272 -11.93 30.49 -20.52
CA CYS B 272 -12.00 30.45 -20.47
C CYS B 272 -10.84 29.68 -19.81
C CYS B 272 -10.85 29.66 -19.85
N LYS B 273 -11.15 28.43 -19.44
CA LYS B 273 -10.18 27.52 -18.84
C LYS B 273 -10.45 26.12 -19.40
N LEU B 274 -9.38 25.43 -19.79
CA LEU B 274 -9.47 24.10 -20.37
C LEU B 274 -8.31 23.26 -19.87
N GLU B 275 -8.60 22.03 -19.46
CA GLU B 275 -7.62 21.14 -18.87
C GLU B 275 -7.87 19.71 -19.31
N VAL B 276 -6.79 18.98 -19.56
CA VAL B 276 -6.87 17.54 -19.84
C VAL B 276 -5.90 16.83 -18.89
N LYS B 277 -6.37 15.75 -18.29
CA LYS B 277 -5.58 14.98 -17.33
C LYS B 277 -5.65 13.50 -17.67
N GLU B 278 -4.49 12.89 -17.83
CA GLU B 278 -4.36 11.45 -17.96
C GLU B 278 -4.02 10.88 -16.59
N TYR B 279 -4.84 9.95 -16.11
CA TYR B 279 -4.58 9.25 -14.85
C TYR B 279 -3.84 7.96 -15.15
N LEU B 280 -2.55 7.95 -14.83
CA LEU B 280 -1.69 6.80 -15.13
C LEU B 280 -2.14 5.55 -14.40
N ASP B 281 -2.07 4.42 -15.11
CA ASP B 281 -2.40 3.08 -14.58
C ASP B 281 -3.89 2.84 -14.31
N GLU B 282 -4.77 3.80 -14.59
CA GLU B 282 -6.18 3.63 -14.30
C GLU B 282 -6.91 3.13 -15.54
N ASP B 283 -7.93 2.30 -15.32
CA ASP B 283 -8.78 1.78 -16.40
C ASP B 283 -10.14 2.46 -16.36
N HIS B 284 -11.06 2.03 -17.20
CA HIS B 284 -12.37 2.69 -17.33
C HIS B 284 -13.14 2.79 -16.01
N GLY B 285 -13.10 1.73 -15.22
CA GLY B 285 -13.74 1.69 -13.90
C GLY B 285 -12.93 2.34 -12.80
N SER B 286 -11.62 2.05 -12.76
CA SER B 286 -10.75 2.52 -11.67
C SER B 286 -10.49 4.03 -11.71
N VAL B 287 -10.61 4.65 -12.88
CA VAL B 287 -10.41 6.09 -13.02
C VAL B 287 -11.56 6.95 -12.46
N ILE B 288 -12.73 6.35 -12.22
CA ILE B 288 -13.92 7.12 -11.83
C ILE B 288 -13.68 7.96 -10.57
N GLY B 289 -13.24 7.30 -9.50
CA GLY B 289 -12.93 7.96 -8.24
C GLY B 289 -11.90 9.08 -8.37
N PRO B 290 -10.72 8.75 -8.92
CA PRO B 290 -9.69 9.76 -9.15
C PRO B 290 -10.15 10.95 -9.99
N ALA B 291 -10.86 10.69 -11.09
CA ALA B 291 -11.35 11.76 -11.97
C ALA B 291 -12.44 12.63 -11.31
N LEU B 292 -13.31 12.00 -10.53
CA LEU B 292 -14.36 12.73 -9.81
C LEU B 292 -13.73 13.58 -8.73
N SER B 293 -12.85 13.00 -7.93
N SER B 293 -12.85 12.99 -7.93
CA SER B 293 -12.11 13.75 -6.92
CA SER B 293 -12.09 13.73 -6.91
C SER B 293 -11.30 14.89 -7.54
C SER B 293 -11.30 14.88 -7.54
N GLY B 294 -10.56 14.57 -8.60
CA GLY B 294 -9.78 15.57 -9.34
C GLY B 294 -10.61 16.70 -9.91
N GLY B 295 -11.81 16.36 -10.41
CA GLY B 295 -12.73 17.36 -10.94
C GLY B 295 -13.25 18.30 -9.87
N ILE B 296 -13.53 17.74 -8.70
CA ILE B 296 -13.96 18.56 -7.56
C ILE B 296 -12.83 19.47 -7.06
N MET B 297 -11.61 18.93 -6.98
CA MET B 297 -10.45 19.76 -6.62
C MET B 297 -10.30 20.91 -7.59
N PHE B 298 -10.40 20.59 -8.88
CA PHE B 298 -10.34 21.58 -9.97
C PHE B 298 -11.37 22.71 -9.79
N LEU B 299 -12.62 22.35 -9.50
CA LEU B 299 -13.68 23.32 -9.24
C LEU B 299 -13.40 24.18 -8.00
N SER B 300 -12.98 23.53 -6.92
CA SER B 300 -12.64 24.25 -5.69
C SER B 300 -11.44 25.19 -5.88
N ASN B 301 -10.45 24.76 -6.65
CA ASN B 301 -9.26 25.59 -6.92
C ASN B 301 -9.60 26.85 -7.70
N LEU B 302 -10.45 26.72 -8.73
CA LEU B 302 -10.86 27.90 -9.50
C LEU B 302 -11.85 28.81 -8.74
N SER B 303 -12.47 28.29 -7.69
CA SER B 303 -13.36 29.06 -6.80
C SER B 303 -12.65 29.77 -5.63
N ALA B 304 -11.36 29.53 -5.46
CA ALA B 304 -10.57 30.25 -4.44
C ALA B 304 -10.41 31.73 -4.78
N THR C 3 -39.33 -53.22 51.28
CA THR C 3 -38.99 -52.21 50.23
C THR C 3 -37.55 -52.37 49.73
N HIS C 4 -37.35 -51.97 48.47
CA HIS C 4 -36.09 -52.18 47.77
C HIS C 4 -35.56 -50.88 47.21
N TRP C 5 -34.24 -50.83 47.05
CA TRP C 5 -33.57 -49.75 46.33
C TRP C 5 -33.67 -50.04 44.84
N ALA C 6 -33.91 -48.99 44.05
CA ALA C 6 -33.95 -49.12 42.59
C ALA C 6 -32.93 -48.19 41.97
N PHE C 7 -31.99 -48.75 41.20
CA PHE C 7 -30.98 -47.98 40.49
C PHE C 7 -31.49 -47.63 39.09
N SER C 8 -31.34 -46.37 38.70
CA SER C 8 -31.69 -45.91 37.36
CA SER C 8 -31.71 -45.88 37.36
C SER C 8 -30.61 -44.97 36.83
N PRO C 9 -30.17 -45.17 35.56
CA PRO C 9 -29.20 -44.22 35.02
C PRO C 9 -29.79 -42.81 34.93
N ILE C 10 -28.96 -41.80 35.18
CA ILE C 10 -29.36 -40.41 35.02
C ILE C 10 -28.26 -39.61 34.33
N GLN C 11 -28.67 -38.53 33.67
CA GLN C 11 -27.78 -37.64 32.95
C GLN C 11 -28.23 -36.20 33.22
N PRO C 12 -27.28 -35.27 33.37
CA PRO C 12 -25.83 -35.40 33.30
C PRO C 12 -25.13 -35.70 34.64
N GLY C 13 -25.89 -35.90 35.71
CA GLY C 13 -25.30 -36.03 37.05
C GLY C 13 -24.52 -34.78 37.42
N ALA C 14 -23.29 -34.95 37.90
CA ALA C 14 -22.43 -33.83 38.28
C ALA C 14 -21.87 -33.03 37.10
N ALA C 15 -21.96 -33.58 35.89
CA ALA C 15 -21.48 -32.90 34.68
C ALA C 15 -22.53 -31.95 34.08
N ARG C 16 -23.22 -31.19 34.93
CA ARG C 16 -24.28 -30.29 34.45
C ARG C 16 -23.73 -28.89 34.17
N ASN C 17 -24.44 -28.17 33.32
CA ASN C 17 -24.07 -26.82 32.90
C ASN C 17 -22.61 -26.72 32.45
N MET C 18 -22.26 -27.62 31.54
CA MET C 18 -20.98 -27.56 30.86
C MET C 18 -21.16 -28.06 29.44
N ALA C 19 -20.28 -27.58 28.58
CA ALA C 19 -20.32 -27.90 27.15
C ALA C 19 -18.91 -27.83 26.62
N ALA C 20 -18.70 -28.41 25.45
CA ALA C 20 -17.38 -28.39 24.83
C ALA C 20 -17.52 -28.16 23.33
N TRP C 21 -16.47 -27.58 22.76
CA TRP C 21 -16.37 -27.36 21.32
C TRP C 21 -14.96 -27.70 20.84
N GLN C 22 -14.85 -28.26 19.64
CA GLN C 22 -13.55 -28.30 18.99
C GLN C 22 -13.45 -27.10 18.06
N ILE C 23 -12.25 -26.54 17.98
CA ILE C 23 -11.99 -25.38 17.12
C ILE C 23 -10.90 -25.82 16.16
N ALA C 24 -11.28 -26.01 14.90
CA ALA C 24 -10.37 -26.53 13.88
C ALA C 24 -9.97 -25.41 12.94
N GLY C 25 -8.75 -25.50 12.41
CA GLY C 25 -8.21 -24.49 11.49
C GLY C 25 -6.69 -24.39 11.43
N LYS C 26 -6.01 -24.64 12.54
CA LYS C 26 -4.53 -24.55 12.58
C LYS C 26 -3.89 -25.90 12.27
N LYS C 27 -2.71 -25.84 11.64
CA LYS C 27 -2.00 -27.04 11.16
C LYS C 27 -1.57 -28.01 12.26
N ASP C 28 -1.23 -27.48 13.44
CA ASP C 28 -0.88 -28.33 14.60
C ASP C 28 -2.05 -29.21 15.11
N GLY C 29 -3.28 -28.81 14.81
CA GLY C 29 -4.47 -29.62 15.08
C GLY C 29 -5.57 -28.80 15.75
N PRO C 30 -6.75 -29.42 15.96
CA PRO C 30 -7.84 -28.67 16.58
C PRO C 30 -7.58 -28.36 18.06
N TYR C 31 -8.20 -27.31 18.56
CA TYR C 31 -8.25 -27.05 19.99
C TYR C 31 -9.57 -27.60 20.52
N GLN C 32 -9.62 -27.82 21.83
CA GLN C 32 -10.85 -28.19 22.51
C GLN C 32 -11.05 -27.12 23.58
N ILE C 33 -12.24 -26.52 23.61
CA ILE C 33 -12.58 -25.62 24.70
C ILE C 33 -13.68 -26.26 25.52
N ASP C 34 -13.49 -26.31 26.84
CA ASP C 34 -14.51 -26.76 27.77
C ASP C 34 -14.98 -25.52 28.51
N VAL C 35 -16.30 -25.38 28.63
CA VAL C 35 -16.93 -24.22 29.25
C VAL C 35 -17.92 -24.70 30.30
N SER C 36 -17.89 -24.10 31.48
CA SER C 36 -18.91 -24.38 32.50
C SER C 36 -19.43 -23.07 33.04
N TRP C 37 -20.62 -23.12 33.59
CA TRP C 37 -21.28 -21.93 34.12
C TRP C 37 -22.09 -22.27 35.37
N PRO C 38 -22.50 -21.23 36.15
CA PRO C 38 -23.12 -21.47 37.43
C PRO C 38 -24.39 -22.34 37.40
N LEU C 39 -24.58 -23.10 38.46
CA LEU C 39 -25.69 -24.05 38.55
C LEU C 39 -27.08 -23.42 38.58
N THR C 40 -27.17 -22.16 39.01
CA THR C 40 -28.44 -21.43 39.00
C THR C 40 -28.89 -21.03 37.60
N TRP C 41 -27.99 -21.06 36.62
CA TRP C 41 -28.30 -20.72 35.24
C TRP C 41 -28.92 -21.92 34.51
N SER C 42 -29.50 -21.67 33.35
CA SER C 42 -30.15 -22.75 32.58
C SER C 42 -29.13 -23.66 31.92
N GLU C 43 -29.64 -24.78 31.41
CA GLU C 43 -28.85 -25.76 30.64
C GLU C 43 -28.24 -25.17 29.37
N SER C 44 -28.90 -24.17 28.79
CA SER C 44 -28.40 -23.48 27.60
C SER C 44 -27.40 -22.35 27.90
N GLY C 45 -27.11 -22.10 29.18
CA GLY C 45 -26.19 -21.06 29.59
C GLY C 45 -26.83 -19.70 29.81
N ASP C 46 -28.16 -19.65 29.87
CA ASP C 46 -28.87 -18.39 30.12
C ASP C 46 -28.82 -18.05 31.60
N ALA C 47 -28.41 -16.82 31.91
CA ALA C 47 -28.25 -16.35 33.28
C ALA C 47 -29.41 -15.47 33.80
N SER C 48 -30.50 -15.38 33.03
CA SER C 48 -31.66 -14.55 33.38
C SER C 48 -31.27 -13.11 33.79
N GLY C 49 -30.42 -12.49 32.97
CA GLY C 49 -29.98 -11.12 33.17
C GLY C 49 -28.80 -10.90 34.12
N LYS C 50 -28.32 -11.96 34.78
CA LYS C 50 -27.25 -11.80 35.76
C LYS C 50 -25.91 -11.56 35.08
N SER C 51 -25.01 -10.91 35.81
CA SER C 51 -23.63 -10.66 35.36
C SER C 51 -22.75 -11.82 35.76
N ALA C 52 -21.50 -11.78 35.32
CA ALA C 52 -20.55 -12.85 35.62
C ALA C 52 -19.11 -12.38 35.52
N ASN C 53 -18.24 -13.12 36.18
CA ASN C 53 -16.82 -13.00 35.96
C ASN C 53 -16.41 -14.21 35.12
N ALA C 54 -15.15 -14.26 34.71
CA ALA C 54 -14.67 -15.37 33.88
C ALA C 54 -13.24 -15.74 34.24
N VAL C 55 -12.97 -17.06 34.25
CA VAL C 55 -11.61 -17.55 34.45
C VAL C 55 -11.25 -18.42 33.25
N TYR C 56 -10.12 -18.07 32.62
CA TYR C 56 -9.58 -18.76 31.46
C TYR C 56 -8.39 -19.61 31.91
N LEU C 57 -8.39 -20.87 31.47
CA LEU C 57 -7.40 -21.86 31.91
C LEU C 57 -6.67 -22.45 30.72
N VAL C 58 -5.34 -22.43 30.76
CA VAL C 58 -4.52 -23.16 29.78
C VAL C 58 -4.16 -24.52 30.41
N ASP C 59 -3.71 -25.48 29.60
CA ASP C 59 -3.77 -26.92 29.98
C ASP C 59 -5.20 -27.27 30.40
N GLY C 60 -6.15 -26.81 29.59
CA GLY C 60 -7.57 -26.88 29.94
C GLY C 60 -8.09 -28.23 30.37
N ASN C 61 -7.62 -29.29 29.72
CA ASN C 61 -8.10 -30.66 30.00
C ASN C 61 -7.78 -31.12 31.42
N ALA C 62 -6.73 -30.55 32.01
CA ALA C 62 -6.24 -30.93 33.35
C ALA C 62 -6.81 -30.10 34.50
N LEU C 63 -7.39 -28.95 34.19
CA LEU C 63 -7.82 -27.97 35.19
C LEU C 63 -9.31 -27.61 35.20
N PHE C 64 -10.02 -27.91 34.12
CA PHE C 64 -11.42 -27.52 33.95
C PHE C 64 -12.35 -27.94 35.08
N LEU C 65 -12.31 -29.21 35.42
CA LEU C 65 -13.23 -29.78 36.41
C LEU C 65 -12.95 -29.26 37.82
N THR C 66 -11.68 -29.05 38.15
CA THR C 66 -11.28 -28.53 39.47
C THR C 66 -11.75 -27.09 39.63
N ALA C 67 -11.50 -26.26 38.61
CA ALA C 67 -11.95 -24.87 38.64
C ALA C 67 -13.48 -24.79 38.76
N THR C 68 -14.17 -25.59 37.94
CA THR C 68 -15.64 -25.66 37.94
C THR C 68 -16.22 -25.97 39.32
N GLU C 69 -15.73 -27.04 39.93
CA GLU C 69 -16.28 -27.47 41.22
C GLU C 69 -15.92 -26.56 42.38
N THR C 70 -14.71 -26.00 42.37
CA THR C 70 -14.31 -25.02 43.38
C THR C 70 -15.27 -23.82 43.37
N LEU C 71 -15.55 -23.31 42.18
CA LEU C 71 -16.51 -22.21 42.02
C LEU C 71 -17.91 -22.59 42.48
N ARG C 72 -18.36 -23.79 42.13
CA ARG C 72 -19.69 -24.24 42.49
C ARG C 72 -19.88 -24.44 43.98
N ARG C 73 -18.83 -24.89 44.68
CA ARG C 73 -18.85 -24.94 46.15
C ARG C 73 -19.00 -23.53 46.74
N ARG C 74 -18.17 -22.61 46.27
CA ARG C 74 -18.21 -21.24 46.76
C ARG C 74 -19.53 -20.53 46.44
N GLU C 75 -20.03 -20.71 45.21
CA GLU C 75 -21.31 -20.13 44.80
C GLU C 75 -22.51 -20.73 45.57
N SER C 76 -22.38 -21.98 46.03
CA SER C 76 -23.39 -22.58 46.92
C SER C 76 -23.37 -21.94 48.31
N HIS C 77 -22.16 -21.70 48.84
CA HIS C 77 -22.00 -21.06 50.14
C HIS C 77 -22.35 -19.57 50.12
N ARG C 78 -22.10 -18.92 48.98
CA ARG C 78 -22.26 -17.48 48.87
C ARG C 78 -23.10 -17.15 47.63
N PRO C 79 -24.41 -17.42 47.70
CA PRO C 79 -25.29 -17.25 46.53
C PRO C 79 -25.45 -15.82 46.01
N SER C 80 -25.14 -14.81 46.83
CA SER C 80 -25.15 -13.42 46.38
C SER C 80 -23.90 -12.99 45.61
N GLU C 81 -22.84 -13.80 45.65
CA GLU C 81 -21.62 -13.48 44.89
C GLU C 81 -21.88 -13.64 43.40
N THR C 82 -21.12 -12.88 42.62
CA THR C 82 -21.22 -12.91 41.17
C THR C 82 -20.74 -14.28 40.69
N GLY C 83 -21.52 -14.89 39.81
CA GLY C 83 -21.18 -16.19 39.24
C GLY C 83 -19.99 -16.09 38.30
N THR C 84 -19.31 -17.22 38.10
CA THR C 84 -18.12 -17.25 37.26
C THR C 84 -18.21 -18.33 36.20
N VAL C 85 -17.92 -17.94 34.96
CA VAL C 85 -17.83 -18.87 33.84
C VAL C 85 -16.39 -19.36 33.74
N VAL C 86 -16.22 -20.66 33.52
CA VAL C 86 -14.91 -21.26 33.32
C VAL C 86 -14.75 -21.56 31.84
N ILE C 87 -13.63 -21.12 31.27
CA ILE C 87 -13.24 -21.42 29.89
C ILE C 87 -11.87 -22.09 29.91
N ALA C 88 -11.86 -23.39 29.63
CA ALA C 88 -10.63 -24.17 29.60
C ALA C 88 -10.20 -24.39 28.16
N ILE C 89 -8.98 -23.95 27.82
CA ILE C 89 -8.47 -24.08 26.47
C ILE C 89 -7.46 -25.23 26.48
N GLY C 90 -7.83 -26.29 25.79
CA GLY C 90 -7.06 -27.54 25.77
C GLY C 90 -7.05 -28.18 24.40
N TYR C 91 -6.97 -29.51 24.38
CA TYR C 91 -6.70 -30.28 23.17
C TYR C 91 -7.63 -31.49 23.10
N PRO C 92 -7.84 -32.04 21.88
CA PRO C 92 -8.63 -33.25 21.72
C PRO C 92 -7.78 -34.47 22.09
N ILE C 93 -7.69 -34.72 23.39
CA ILE C 93 -6.93 -35.84 23.93
C ILE C 93 -7.88 -36.65 24.79
N THR C 94 -7.73 -37.98 24.75
CA THR C 94 -8.67 -38.90 25.40
C THR C 94 -8.07 -39.70 26.57
N ASP C 95 -6.87 -40.25 26.39
CA ASP C 95 -6.24 -41.08 27.43
C ASP C 95 -5.32 -40.34 28.42
N SER C 96 -5.25 -39.01 28.32
CA SER C 96 -4.46 -38.18 29.22
C SER C 96 -5.08 -36.78 29.28
N VAL C 97 -4.70 -36.01 30.31
CA VAL C 97 -5.17 -34.61 30.45
C VAL C 97 -4.10 -33.57 30.08
N PHE C 98 -2.92 -34.03 29.67
CA PHE C 98 -1.87 -33.14 29.15
C PHE C 98 -1.51 -33.54 27.73
N SER C 99 -1.17 -32.56 26.91
CA SER C 99 -0.77 -32.77 25.52
C SER C 99 0.65 -32.28 25.28
N PRO C 100 1.45 -32.99 24.45
CA PRO C 100 2.78 -32.45 24.09
C PRO C 100 2.73 -31.12 23.32
N ARG C 101 1.57 -30.79 22.73
CA ARG C 101 1.36 -29.50 22.06
C ARG C 101 1.48 -28.27 22.96
N ARG C 102 1.33 -28.45 24.27
CA ARG C 102 1.48 -27.35 25.24
C ARG C 102 2.84 -26.65 25.17
N SER C 103 3.91 -27.38 24.84
CA SER C 103 5.26 -26.79 24.76
CA SER C 103 5.25 -26.78 24.78
C SER C 103 5.31 -25.65 23.75
N TYR C 104 4.69 -25.85 22.59
CA TYR C 104 4.63 -24.83 21.56
C TYR C 104 3.70 -23.68 21.98
N ASP C 105 2.47 -24.02 22.36
CA ASP C 105 1.46 -23.00 22.67
C ASP C 105 1.78 -22.10 23.85
N LEU C 106 2.53 -22.60 24.84
CA LEU C 106 2.73 -21.88 26.10
C LEU C 106 4.06 -21.15 26.28
N THR C 107 5.03 -21.37 25.39
CA THR C 107 6.35 -20.73 25.48
C THR C 107 6.46 -19.57 24.48
N PRO C 108 6.97 -18.41 24.92
CA PRO C 108 7.04 -17.24 24.04
C PRO C 108 8.15 -17.30 22.98
N PRO C 109 8.01 -16.50 21.90
CA PRO C 109 9.11 -16.40 20.94
C PRO C 109 10.27 -15.61 21.53
N CYS C 110 11.49 -16.07 21.27
CA CYS C 110 12.72 -15.45 21.78
C CYS C 110 13.77 -15.41 20.69
N ASP C 111 14.64 -14.40 20.74
CA ASP C 111 15.72 -14.23 19.75
C ASP C 111 16.76 -15.35 19.84
N HIS C 112 17.03 -15.83 21.05
CA HIS C 112 17.88 -17.01 21.26
C HIS C 112 17.13 -18.03 22.10
N TYR C 113 17.37 -19.31 21.80
CA TYR C 113 16.70 -20.42 22.47
C TYR C 113 17.70 -21.53 22.79
N ILE C 114 17.66 -22.00 24.04
CA ILE C 114 18.41 -23.18 24.47
C ILE C 114 17.40 -24.20 24.99
N PRO C 115 17.53 -25.47 24.57
CA PRO C 115 16.53 -26.48 24.95
C PRO C 115 16.54 -26.84 26.44
N PRO C 116 15.41 -27.39 26.94
CA PRO C 116 15.37 -27.87 28.32
C PRO C 116 16.22 -29.13 28.55
N GLU C 117 16.42 -29.45 29.82
CA GLU C 117 17.24 -30.60 30.21
C GLU C 117 16.49 -31.90 29.98
N SER C 122 21.22 -34.60 29.33
CA SER C 122 20.99 -34.54 27.87
C SER C 122 19.88 -33.54 27.52
N PRO C 123 20.00 -32.85 26.37
CA PRO C 123 18.96 -31.89 25.99
C PRO C 123 17.74 -32.63 25.45
N LYS C 124 16.55 -32.13 25.76
CA LYS C 124 15.31 -32.69 25.25
C LYS C 124 14.59 -31.61 24.45
N PRO C 125 14.86 -31.52 23.13
CA PRO C 125 14.19 -30.50 22.33
C PRO C 125 12.71 -30.77 22.17
N GLU C 126 11.96 -29.68 22.02
CA GLU C 126 10.51 -29.74 21.87
C GLU C 126 10.10 -28.50 21.09
N ALA C 127 8.91 -28.53 20.50
CA ALA C 127 8.38 -27.36 19.80
C ALA C 127 8.21 -26.20 20.78
N HIS C 128 8.51 -24.99 20.32
CA HIS C 128 8.52 -23.80 21.19
C HIS C 128 8.18 -22.53 20.42
N GLY C 129 7.73 -21.51 21.15
CA GLY C 129 7.59 -20.14 20.61
C GLY C 129 6.22 -19.74 20.08
N GLY C 130 5.17 -20.48 20.45
CA GLY C 130 3.82 -20.21 19.96
C GLY C 130 2.90 -19.40 20.89
N ALA C 131 3.44 -18.81 21.95
CA ALA C 131 2.62 -18.14 22.96
C ALA C 131 1.92 -16.87 22.48
N ASP C 132 2.56 -16.11 21.59
CA ASP C 132 1.91 -14.92 21.03
C ASP C 132 0.73 -15.31 20.14
N GLU C 133 0.92 -16.33 19.30
CA GLU C 133 -0.18 -16.86 18.48
C GLU C 133 -1.31 -17.40 19.36
N PHE C 134 -0.96 -18.11 20.43
CA PHE C 134 -1.94 -18.68 21.33
C PHE C 134 -2.71 -17.62 22.12
N LEU C 135 -1.99 -16.60 22.61
CA LEU C 135 -2.64 -15.49 23.32
C LEU C 135 -3.60 -14.72 22.42
N THR C 136 -3.18 -14.49 21.18
CA THR C 136 -4.04 -13.89 20.14
C THR C 136 -5.29 -14.74 19.92
N PHE C 137 -5.09 -16.05 19.80
CA PHE C 137 -6.18 -17.02 19.63
C PHE C 137 -7.21 -16.93 20.77
N ILE C 138 -6.72 -16.86 22.01
CA ILE C 138 -7.62 -16.78 23.16
C ILE C 138 -8.38 -15.45 23.17
N ALA C 139 -7.65 -14.35 22.97
CA ALA C 139 -8.23 -13.01 23.05
C ALA C 139 -9.16 -12.67 21.88
N GLU C 140 -8.84 -13.13 20.67
CA GLU C 140 -9.56 -12.73 19.45
C GLU C 140 -10.54 -13.76 18.88
N ILE C 141 -10.34 -15.05 19.22
CA ILE C 141 -11.21 -16.13 18.72
C ILE C 141 -12.03 -16.76 19.84
N VAL C 142 -11.36 -17.20 20.90
CA VAL C 142 -12.07 -17.92 21.97
C VAL C 142 -12.95 -16.98 22.78
N ARG C 143 -12.37 -15.91 23.31
CA ARG C 143 -13.13 -15.01 24.19
C ARG C 143 -14.36 -14.42 23.51
N PRO C 144 -14.20 -13.90 22.27
CA PRO C 144 -15.40 -13.38 21.62
C PRO C 144 -16.47 -14.45 21.33
N PHE C 145 -16.07 -15.68 21.00
CA PHE C 145 -17.02 -16.77 20.86
C PHE C 145 -17.82 -16.97 22.15
N VAL C 146 -17.11 -17.03 23.27
CA VAL C 146 -17.75 -17.22 24.57
C VAL C 146 -18.70 -16.07 24.91
N GLU C 147 -18.21 -14.84 24.75
CA GLU C 147 -18.94 -13.65 25.15
C GLU C 147 -20.09 -13.28 24.20
N LEU C 148 -19.85 -13.39 22.89
CA LEU C 148 -20.84 -12.97 21.88
C LEU C 148 -21.76 -14.09 21.38
N LYS C 149 -21.30 -15.35 21.36
CA LYS C 149 -22.11 -16.49 20.92
C LYS C 149 -22.68 -17.35 22.06
N VAL C 150 -21.87 -17.66 23.06
CA VAL C 150 -22.32 -18.55 24.14
C VAL C 150 -23.15 -17.79 25.18
N PHE C 151 -22.66 -16.63 25.62
CA PHE C 151 -23.30 -15.84 26.68
C PHE C 151 -23.57 -14.39 26.26
N PRO C 152 -24.31 -14.19 25.14
CA PRO C 152 -24.53 -12.84 24.58
C PRO C 152 -25.27 -11.84 25.47
N ARG C 153 -26.06 -12.33 26.42
CA ARG C 153 -26.81 -11.48 27.34
C ARG C 153 -26.15 -11.32 28.72
N VAL C 154 -24.92 -11.85 28.88
CA VAL C 154 -24.17 -11.75 30.13
C VAL C 154 -23.13 -10.64 30.03
N SER C 155 -23.18 -9.70 30.99
CA SER C 155 -22.15 -8.69 31.15
C SER C 155 -21.00 -9.25 31.99
N PHE C 156 -19.82 -9.32 31.39
CA PHE C 156 -18.62 -9.84 32.08
C PHE C 156 -17.85 -8.73 32.78
N GLY C 157 -17.55 -8.93 34.06
CA GLY C 157 -16.94 -7.90 34.89
C GLY C 157 -15.43 -8.03 34.97
N ARG C 158 -15.01 -9.16 35.54
CA ARG C 158 -13.60 -9.43 35.82
CA ARG C 158 -13.60 -9.44 35.82
C ARG C 158 -13.19 -10.71 35.06
N THR C 159 -12.05 -10.65 34.39
CA THR C 159 -11.49 -11.82 33.68
C THR C 159 -10.14 -12.21 34.27
N ALA C 160 -9.88 -13.50 34.35
CA ALA C 160 -8.64 -14.03 34.89
C ALA C 160 -8.06 -15.10 33.98
N LEU C 161 -6.73 -15.19 33.98
CA LEU C 161 -6.00 -16.25 33.28
C LEU C 161 -5.21 -17.06 34.32
N PHE C 162 -5.41 -18.37 34.32
CA PHE C 162 -4.66 -19.29 35.18
C PHE C 162 -3.85 -20.26 34.31
N GLY C 163 -2.59 -20.43 34.69
CA GLY C 163 -1.77 -21.49 34.13
C GLY C 163 -0.78 -22.00 35.16
N HIS C 164 -0.40 -23.28 35.01
CA HIS C 164 0.58 -23.95 35.87
C HIS C 164 1.76 -24.44 35.04
N SER C 165 2.96 -24.35 35.61
CA SER C 165 4.24 -24.71 34.93
C SER C 165 4.44 -23.88 33.66
N TYR C 166 4.57 -24.49 32.48
CA TYR C 166 4.57 -23.70 31.23
C TYR C 166 3.33 -22.79 31.13
N GLY C 167 2.20 -23.23 31.68
CA GLY C 167 1.02 -22.40 31.80
C GLY C 167 1.25 -21.13 32.62
N GLY C 168 2.01 -21.25 33.70
CA GLY C 168 2.37 -20.10 34.53
C GLY C 168 3.33 -19.17 33.80
N LEU C 169 4.28 -19.76 33.07
CA LEU C 169 5.17 -19.00 32.19
C LEU C 169 4.34 -18.22 31.16
N PHE C 170 3.36 -18.90 30.57
CA PHE C 170 2.43 -18.27 29.63
C PHE C 170 1.67 -17.10 30.26
N ALA C 171 1.15 -17.29 31.47
CA ALA C 171 0.43 -16.24 32.18
C ALA C 171 1.31 -15.00 32.45
N LEU C 172 2.56 -15.24 32.86
CA LEU C 172 3.53 -14.16 33.03
C LEU C 172 3.84 -13.44 31.72
N HIS C 173 4.02 -14.22 30.65
CA HIS C 173 4.24 -13.64 29.33
C HIS C 173 3.09 -12.70 28.92
N ALA C 174 1.84 -13.14 29.14
CA ALA C 174 0.67 -12.31 28.86
C ALA C 174 0.70 -11.03 29.69
N LEU C 175 0.93 -11.16 30.99
CA LEU C 175 1.04 -9.99 31.88
C LEU C 175 2.10 -8.99 31.41
N PHE C 176 3.30 -9.49 31.11
CA PHE C 176 4.44 -8.60 30.82
C PHE C 176 4.41 -7.97 29.42
N THR C 177 3.81 -8.66 28.45
CA THR C 177 3.74 -8.14 27.07
C THR C 177 2.38 -7.53 26.69
N LYS C 178 1.32 -7.94 27.37
CA LYS C 178 -0.05 -7.55 27.00
C LYS C 178 -0.91 -7.42 28.28
N PRO C 179 -0.51 -6.52 29.21
CA PRO C 179 -1.10 -6.50 30.56
C PRO C 179 -2.62 -6.29 30.64
N SER C 180 -3.22 -5.64 29.64
CA SER C 180 -4.67 -5.42 29.61
CA SER C 180 -4.67 -5.42 29.62
C SER C 180 -5.47 -6.64 29.13
N SER C 181 -4.78 -7.70 28.68
CA SER C 181 -5.45 -8.90 28.16
C SER C 181 -6.41 -9.54 29.18
N PHE C 182 -5.99 -9.60 30.45
CA PHE C 182 -6.82 -10.07 31.56
C PHE C 182 -6.68 -9.12 32.75
N ASP C 183 -7.69 -9.10 33.62
CA ASP C 183 -7.65 -8.31 34.84
C ASP C 183 -6.76 -8.95 35.89
N VAL C 184 -6.78 -10.28 35.95
CA VAL C 184 -6.08 -11.04 36.99
C VAL C 184 -5.26 -12.14 36.34
N TYR C 185 -4.01 -12.26 36.75
CA TYR C 185 -3.10 -13.31 36.28
C TYR C 185 -2.77 -14.21 37.46
N LEU C 186 -2.90 -15.53 37.23
CA LEU C 186 -2.64 -16.53 38.27
C LEU C 186 -1.58 -17.48 37.70
N ALA C 187 -0.33 -17.27 38.11
CA ALA C 187 0.80 -18.00 37.60
C ALA C 187 1.26 -19.02 38.65
N ALA C 188 0.84 -20.27 38.48
CA ALA C 188 1.14 -21.33 39.45
C ALA C 188 2.38 -22.08 39.02
N SER C 189 3.37 -22.15 39.92
CA SER C 189 4.64 -22.84 39.64
C SER C 189 5.19 -22.50 38.26
N PRO C 190 5.29 -21.20 37.93
CA PRO C 190 5.68 -20.79 36.58
C PRO C 190 7.10 -21.23 36.24
N SER C 191 7.30 -21.74 35.02
CA SER C 191 8.61 -22.23 34.59
C SER C 191 9.53 -21.05 34.27
N ILE C 192 9.90 -20.30 35.31
CA ILE C 192 10.72 -19.09 35.16
C ILE C 192 12.11 -19.46 34.62
N TRP C 193 12.61 -20.63 35.02
CA TRP C 193 13.86 -21.21 34.51
C TRP C 193 13.98 -21.31 32.98
N TRP C 194 12.84 -21.44 32.30
CA TRP C 194 12.80 -21.75 30.87
C TRP C 194 13.64 -20.80 30.00
N ASN C 195 14.43 -21.40 29.10
CA ASN C 195 15.28 -20.65 28.18
C ASN C 195 16.15 -19.61 28.90
N ASN C 196 16.90 -20.09 29.89
CA ASN C 196 17.79 -19.26 30.71
C ASN C 196 17.09 -18.01 31.31
N ARG C 197 15.88 -18.23 31.85
CA ARG C 197 15.11 -17.20 32.54
C ARG C 197 14.79 -15.97 31.67
N SER C 198 14.48 -16.23 30.40
CA SER C 198 14.17 -15.17 29.44
C SER C 198 12.91 -14.36 29.81
N ILE C 199 12.00 -14.95 30.57
CA ILE C 199 10.80 -14.23 31.05
C ILE C 199 11.15 -13.00 31.90
N LEU C 200 12.28 -13.04 32.61
CA LEU C 200 12.74 -11.89 33.41
C LEU C 200 13.07 -10.65 32.57
N THR C 201 13.57 -10.87 31.35
CA THR C 201 13.76 -9.79 30.38
C THR C 201 12.44 -9.08 30.10
N GLU C 202 11.40 -9.86 29.85
CA GLU C 202 10.05 -9.34 29.65
C GLU C 202 9.50 -8.66 30.90
N ALA C 203 9.72 -9.30 32.05
CA ALA C 203 9.36 -8.72 33.36
C ALA C 203 9.98 -7.34 33.57
N ARG C 204 11.27 -7.21 33.26
CA ARG C 204 11.99 -5.95 33.44
C ARG C 204 11.60 -4.87 32.42
N ARG C 205 11.33 -5.28 31.18
CA ARG C 205 10.72 -4.38 30.20
C ARG C 205 9.35 -3.90 30.68
N PHE C 206 8.56 -4.80 31.29
CA PHE C 206 7.27 -4.44 31.89
C PHE C 206 7.46 -3.48 33.07
N ILE C 207 8.43 -3.77 33.93
CA ILE C 207 8.73 -2.91 35.09
C ILE C 207 9.16 -1.51 34.64
N SER C 208 10.03 -1.45 33.64
CA SER C 208 10.57 -0.17 33.14
C SER C 208 9.70 0.53 32.10
N GLY C 209 8.55 -0.05 31.72
CA GLY C 209 7.76 0.46 30.59
C GLY C 209 6.30 0.72 30.87
N ALA C 210 6.03 1.63 31.79
CA ALA C 210 4.65 2.07 32.07
C ALA C 210 4.05 2.85 30.90
N ALA C 211 4.90 3.57 30.16
CA ALA C 211 4.49 4.30 28.96
C ALA C 211 3.92 3.40 27.85
N LEU C 212 4.42 2.18 27.78
CA LEU C 212 3.98 1.20 26.78
C LEU C 212 2.60 0.63 27.12
N PHE C 213 2.28 0.55 28.42
CA PHE C 213 1.01 0.01 28.90
C PHE C 213 0.35 0.91 29.96
N SER C 214 0.02 2.14 29.57
CA SER C 214 -0.72 3.04 30.45
C SER C 214 -2.18 2.59 30.56
N SER C 215 -2.80 2.88 31.71
CA SER C 215 -4.17 2.44 32.02
C SER C 215 -4.37 0.92 32.01
N ALA C 216 -3.32 0.17 32.34
CA ALA C 216 -3.39 -1.25 32.60
C ALA C 216 -3.08 -1.40 34.08
N HIS C 217 -4.00 -1.99 34.83
CA HIS C 217 -3.87 -2.12 36.28
C HIS C 217 -4.04 -3.58 36.70
N PRO C 218 -3.10 -4.45 36.28
CA PRO C 218 -3.24 -5.89 36.49
C PRO C 218 -2.99 -6.34 37.93
N VAL C 219 -3.52 -7.52 38.24
CA VAL C 219 -3.34 -8.20 39.51
C VAL C 219 -2.62 -9.51 39.20
N LEU C 220 -1.67 -9.90 40.06
CA LEU C 220 -0.90 -11.14 39.89
C LEU C 220 -0.84 -11.94 41.18
N ARG C 221 -1.11 -13.25 41.08
CA ARG C 221 -0.85 -14.19 42.16
C ARG C 221 0.15 -15.23 41.69
N LEU C 222 1.31 -15.28 42.35
CA LEU C 222 2.32 -16.31 42.12
C LEU C 222 2.17 -17.39 43.17
N SER C 223 2.54 -18.62 42.82
CA SER C 223 2.56 -19.70 43.79
C SER C 223 3.52 -20.80 43.41
N PHE C 224 3.91 -21.59 44.41
CA PHE C 224 4.74 -22.76 44.19
C PHE C 224 4.60 -23.69 45.39
N GLY C 225 4.95 -24.95 45.21
CA GLY C 225 5.03 -25.91 46.30
C GLY C 225 6.41 -25.89 46.94
N SER C 226 6.47 -26.01 48.27
CA SER C 226 7.76 -25.93 48.98
C SER C 226 8.76 -27.00 48.53
N ARG C 227 8.27 -28.18 48.15
CA ARG C 227 9.12 -29.28 47.72
C ARG C 227 9.64 -29.20 46.28
N GLU C 228 9.20 -28.21 45.51
CA GLU C 228 9.59 -28.13 44.09
C GLU C 228 11.10 -27.94 43.91
N GLN C 229 11.69 -27.04 44.68
CA GLN C 229 13.15 -26.85 44.67
C GLN C 229 13.85 -27.82 45.62
N TYR C 230 13.14 -28.27 46.66
CA TYR C 230 13.70 -29.12 47.70
C TYR C 230 12.90 -30.43 47.78
N PRO C 231 13.15 -31.36 46.83
CA PRO C 231 12.38 -32.61 46.82
C PRO C 231 12.62 -33.47 48.07
N VAL C 232 11.58 -34.20 48.46
CA VAL C 232 11.65 -35.18 49.55
C VAL C 232 11.57 -36.56 48.91
N ARG C 233 12.43 -37.47 49.34
CA ARG C 233 12.43 -38.82 48.81
C ARG C 233 11.11 -39.51 49.14
N GLN C 234 10.54 -40.22 48.16
CA GLN C 234 9.26 -40.91 48.34
C GLN C 234 9.48 -42.30 48.90
N ARG C 235 8.40 -42.89 49.44
CA ARG C 235 8.46 -44.17 50.17
C ARG C 235 9.03 -45.30 49.31
N VAL C 236 8.56 -45.38 48.07
CA VAL C 236 9.09 -46.33 47.09
C VAL C 236 9.81 -45.54 45.98
N GLU C 237 11.14 -45.50 46.08
CA GLU C 237 11.97 -44.78 45.12
C GLU C 237 13.42 -45.21 45.28
N SER C 238 14.13 -45.39 44.17
CA SER C 238 15.55 -45.78 44.20
C SER C 238 16.46 -44.58 44.40
N ASP C 239 17.72 -44.85 44.76
CA ASP C 239 18.74 -43.80 44.93
C ASP C 239 19.03 -43.05 43.64
N GLU C 240 19.11 -43.79 42.52
CA GLU C 240 19.31 -43.18 41.20
C GLU C 240 18.18 -42.24 40.81
N MET C 241 16.94 -42.65 41.04
CA MET C 241 15.75 -41.86 40.67
C MET C 241 15.59 -40.58 41.50
N PHE C 242 15.84 -40.68 42.81
CA PHE C 242 15.77 -39.50 43.70
C PHE C 242 16.88 -38.48 43.41
N LYS C 243 18.09 -38.95 43.12
CA LYS C 243 19.20 -38.07 42.70
C LYS C 243 18.94 -37.37 41.36
N ARG C 244 18.21 -38.06 40.48
CA ARG C 244 17.73 -37.48 39.22
C ARG C 244 16.77 -36.33 39.50
N ARG C 245 15.85 -36.54 40.43
CA ARG C 245 14.89 -35.51 40.86
C ARG C 245 15.57 -34.33 41.58
N GLN C 246 16.63 -34.61 42.36
CA GLN C 246 17.36 -33.55 43.05
C GLN C 246 18.09 -32.60 42.10
N ARG C 247 18.77 -33.14 41.08
CA ARG C 247 19.45 -32.27 40.11
C ARG C 247 18.44 -31.49 39.27
N ALA C 248 17.38 -32.14 38.82
CA ALA C 248 16.31 -31.47 38.07
C ALA C 248 15.71 -30.31 38.88
N ALA C 249 15.48 -30.54 40.16
CA ALA C 249 14.96 -29.50 41.08
C ALA C 249 15.94 -28.34 41.26
N GLU C 250 17.23 -28.65 41.36
CA GLU C 250 18.27 -27.63 41.56
C GLU C 250 18.43 -26.72 40.33
N GLN C 251 18.36 -27.30 39.14
CA GLN C 251 18.40 -26.55 37.87
C GLN C 251 17.22 -25.59 37.75
N ARG C 252 16.01 -26.10 38.01
CA ARG C 252 14.78 -25.35 37.78
C ARG C 252 14.49 -24.25 38.80
N ARG C 253 15.01 -24.39 40.02
CA ARG C 253 15.07 -23.29 40.99
C ARG C 253 13.70 -22.61 41.21
N MET C 254 12.65 -23.45 41.32
CA MET C 254 11.27 -22.96 41.31
C MET C 254 10.98 -21.95 42.43
N ASN C 255 11.29 -22.36 43.67
CA ASN C 255 10.97 -21.58 44.86
C ASN C 255 11.65 -20.21 44.82
N ASP C 256 12.96 -20.24 44.63
CA ASP C 256 13.78 -19.02 44.61
C ASP C 256 13.41 -18.09 43.45
N ASN C 257 13.20 -18.65 42.26
CA ASN C 257 12.82 -17.85 41.09
C ASN C 257 11.49 -17.11 41.29
N CYS C 258 10.49 -17.81 41.85
CA CYS C 258 9.19 -17.21 42.17
C CYS C 258 9.30 -16.10 43.22
N GLU C 259 10.03 -16.40 44.30
CA GLU C 259 10.23 -15.43 45.39
C GLU C 259 10.97 -14.18 44.90
N GLU C 260 11.99 -14.39 44.06
CA GLU C 260 12.77 -13.28 43.51
C GLU C 260 11.95 -12.44 42.52
N LEU C 261 11.15 -13.09 41.68
CA LEU C 261 10.25 -12.36 40.76
C LEU C 261 9.22 -11.55 41.55
N TYR C 262 8.64 -12.16 42.58
CA TYR C 262 7.71 -11.47 43.49
C TYR C 262 8.37 -10.23 44.10
N SER C 263 9.59 -10.40 44.60
CA SER C 263 10.35 -9.32 45.22
C SER C 263 10.62 -8.15 44.25
N GLU C 264 11.03 -8.48 43.02
CA GLU C 264 11.26 -7.45 41.99
C GLU C 264 9.99 -6.69 41.63
N LEU C 265 8.89 -7.43 41.43
CA LEU C 265 7.61 -6.81 41.08
C LEU C 265 7.07 -5.98 42.23
N LEU C 266 7.20 -6.49 43.46
CA LEU C 266 6.85 -5.74 44.67
C LEU C 266 7.64 -4.44 44.76
N ALA C 267 8.94 -4.52 44.52
CA ALA C 267 9.82 -3.34 44.54
C ALA C 267 9.43 -2.29 43.51
N SER C 268 8.98 -2.74 42.34
CA SER C 268 8.57 -1.83 41.25
C SER C 268 7.32 -1.02 41.55
N GLY C 269 6.39 -1.60 42.30
CA GLY C 269 5.09 -0.96 42.58
C GLY C 269 4.19 -0.88 41.37
N ARG C 270 4.49 -1.68 40.34
CA ARG C 270 3.79 -1.62 39.06
C ARG C 270 2.42 -2.29 39.10
N LEU C 271 2.26 -3.33 39.92
CA LEU C 271 1.00 -4.05 40.00
C LEU C 271 0.03 -3.45 41.02
N CYS C 272 -1.25 -3.48 40.68
CA CYS C 272 -2.34 -3.02 41.54
C CYS C 272 -2.38 -3.85 42.82
N LYS C 273 -2.34 -5.17 42.67
CA LYS C 273 -2.26 -6.11 43.77
C LYS C 273 -1.34 -7.26 43.37
N LEU C 274 -0.51 -7.71 44.32
CA LEU C 274 0.49 -8.73 44.07
C LEU C 274 0.53 -9.65 45.28
N GLU C 275 0.56 -10.96 45.03
CA GLU C 275 0.60 -11.96 46.11
C GLU C 275 1.45 -13.14 45.69
N VAL C 276 2.19 -13.70 46.66
CA VAL C 276 2.93 -14.94 46.47
C VAL C 276 2.53 -15.90 47.60
N LYS C 277 2.31 -17.15 47.23
CA LYS C 277 1.96 -18.19 48.21
C LYS C 277 2.86 -19.40 48.02
N GLU C 278 3.57 -19.77 49.09
CA GLU C 278 4.26 -21.05 49.16
C GLU C 278 3.31 -22.06 49.79
N TYR C 279 3.02 -23.13 49.07
CA TYR C 279 2.22 -24.23 49.61
C TYR C 279 3.12 -25.27 50.24
N LEU C 280 3.12 -25.34 51.58
CA LEU C 280 4.02 -26.23 52.31
C LEU C 280 3.75 -27.69 51.99
N ASP C 281 4.83 -28.44 51.80
CA ASP C 281 4.81 -29.90 51.58
C ASP C 281 4.25 -30.34 50.22
N GLU C 282 4.00 -29.41 49.30
CA GLU C 282 3.48 -29.76 47.97
C GLU C 282 4.61 -29.79 46.95
N ASP C 283 4.51 -30.73 46.02
CA ASP C 283 5.45 -30.86 44.90
C ASP C 283 4.82 -30.29 43.63
N HIS C 284 5.52 -30.37 42.50
CA HIS C 284 5.07 -29.78 41.23
C HIS C 284 3.67 -30.22 40.78
N GLY C 285 3.40 -31.52 40.93
CA GLY C 285 2.09 -32.08 40.59
C GLY C 285 1.04 -31.84 41.66
N SER C 286 1.41 -32.13 42.92
CA SER C 286 0.45 -32.06 44.02
C SER C 286 -0.03 -30.65 44.36
N VAL C 287 0.74 -29.64 43.98
CA VAL C 287 0.37 -28.23 44.22
C VAL C 287 -0.74 -27.72 43.30
N ILE C 288 -1.02 -28.42 42.19
CA ILE C 288 -1.99 -27.90 41.21
C ILE C 288 -3.37 -27.67 41.83
N GLY C 289 -3.90 -28.68 42.52
CA GLY C 289 -5.20 -28.59 43.16
C GLY C 289 -5.31 -27.43 44.14
N PRO C 290 -4.39 -27.36 45.13
CA PRO C 290 -4.37 -26.24 46.08
C PRO C 290 -4.18 -24.87 45.45
N ALA C 291 -3.27 -24.76 44.47
CA ALA C 291 -2.98 -23.48 43.82
C ALA C 291 -4.15 -22.98 42.97
N LEU C 292 -4.81 -23.90 42.27
CA LEU C 292 -5.98 -23.53 41.45
C LEU C 292 -7.15 -23.14 42.35
N SER C 293 -7.41 -23.94 43.37
CA SER C 293 -8.43 -23.61 44.37
C SER C 293 -8.14 -22.24 45.02
N GLY C 294 -6.88 -22.05 45.43
CA GLY C 294 -6.45 -20.80 46.04
C GLY C 294 -6.55 -19.61 45.11
N GLY C 295 -6.21 -19.84 43.84
CA GLY C 295 -6.38 -18.82 42.79
C GLY C 295 -7.82 -18.40 42.59
N ILE C 296 -8.73 -19.36 42.60
CA ILE C 296 -10.17 -19.11 42.47
C ILE C 296 -10.67 -18.30 43.67
N MET C 297 -10.28 -18.71 44.88
CA MET C 297 -10.66 -17.98 46.10
C MET C 297 -10.15 -16.54 46.07
N PHE C 298 -8.88 -16.39 45.70
CA PHE C 298 -8.25 -15.08 45.52
C PHE C 298 -9.05 -14.22 44.55
N LEU C 299 -9.41 -14.78 43.40
CA LEU C 299 -10.23 -14.09 42.41
C LEU C 299 -11.57 -13.64 42.99
N SER C 300 -12.29 -14.57 43.63
CA SER C 300 -13.61 -14.27 44.22
C SER C 300 -13.55 -13.25 45.36
N ASN C 301 -12.43 -13.24 46.09
CA ASN C 301 -12.21 -12.27 47.17
C ASN C 301 -11.97 -10.84 46.71
N LEU C 302 -11.67 -10.63 45.44
CA LEU C 302 -11.50 -9.28 44.88
C LEU C 302 -12.80 -8.49 44.73
N SER C 303 -13.96 -9.16 44.75
CA SER C 303 -15.24 -8.51 44.45
C SER C 303 -15.70 -7.52 45.52
N ALA C 304 -15.53 -7.86 46.79
CA ALA C 304 -16.01 -7.04 47.91
C ALA C 304 -15.42 -5.62 47.91
N SER D 2 47.65 -12.76 20.23
CA SER D 2 46.49 -13.22 19.41
C SER D 2 45.47 -12.10 19.32
N THR D 3 45.69 -11.22 18.34
CA THR D 3 44.82 -10.08 18.11
C THR D 3 43.41 -10.54 17.76
N HIS D 4 42.42 -9.95 18.42
CA HIS D 4 41.02 -10.28 18.18
C HIS D 4 40.47 -9.41 17.05
N TRP D 5 40.35 -10.02 15.88
CA TRP D 5 39.76 -9.37 14.73
C TRP D 5 38.26 -9.58 14.78
N ALA D 6 37.52 -8.48 14.65
CA ALA D 6 36.05 -8.52 14.60
C ALA D 6 35.61 -8.15 13.19
N PHE D 7 34.95 -9.09 12.51
CA PHE D 7 34.35 -8.86 11.19
C PHE D 7 32.93 -8.38 11.39
N SER D 8 32.51 -7.38 10.62
CA SER D 8 31.11 -6.94 10.63
C SER D 8 30.71 -6.49 9.23
N PRO D 9 29.51 -6.91 8.76
CA PRO D 9 29.07 -6.45 7.44
C PRO D 9 28.89 -4.95 7.39
N ILE D 10 29.23 -4.35 6.25
CA ILE D 10 28.99 -2.92 6.04
C ILE D 10 28.42 -2.70 4.66
N GLN D 11 27.62 -1.63 4.54
CA GLN D 11 27.08 -1.18 3.28
C GLN D 11 27.27 0.33 3.23
N PRO D 12 27.49 0.89 2.02
CA PRO D 12 27.59 0.24 0.72
C PRO D 12 29.00 -0.26 0.33
N GLY D 13 30.02 -0.03 1.16
CA GLY D 13 31.39 -0.36 0.79
C GLY D 13 31.84 0.43 -0.43
N ALA D 14 32.45 -0.24 -1.39
CA ALA D 14 32.92 0.41 -2.62
C ALA D 14 31.80 0.82 -3.59
N ALA D 15 30.59 0.29 -3.40
CA ALA D 15 29.43 0.61 -4.25
C ALA D 15 28.68 1.85 -3.75
N ARG D 16 29.42 2.92 -3.45
CA ARG D 16 28.85 4.13 -2.86
C ARG D 16 28.64 5.18 -3.95
N ASN D 17 27.75 6.13 -3.67
CA ASN D 17 27.35 7.18 -4.62
C ASN D 17 26.98 6.61 -5.99
N MET D 18 26.09 5.63 -5.96
CA MET D 18 25.51 5.10 -7.18
C MET D 18 24.07 4.66 -6.94
N ALA D 19 23.33 4.62 -8.03
CA ALA D 19 21.91 4.27 -8.01
C ALA D 19 21.53 3.72 -9.36
N ALA D 20 20.36 3.07 -9.39
CA ALA D 20 19.86 2.50 -10.62
C ALA D 20 18.36 2.65 -10.73
N TRP D 21 17.89 2.71 -11.97
CA TRP D 21 16.47 2.77 -12.28
C TRP D 21 16.16 1.81 -13.42
N GLN D 22 14.97 1.22 -13.37
CA GLN D 22 14.40 0.54 -14.52
C GLN D 22 13.52 1.54 -15.27
N ILE D 23 13.60 1.52 -16.59
CA ILE D 23 12.78 2.38 -17.44
C ILE D 23 11.95 1.46 -18.32
N ALA D 24 10.64 1.38 -18.04
CA ALA D 24 9.72 0.48 -18.72
C ALA D 24 8.74 1.25 -19.61
N GLY D 25 8.30 0.60 -20.68
CA GLY D 25 7.45 1.24 -21.69
C GLY D 25 7.64 0.74 -23.12
N LYS D 26 8.87 0.33 -23.45
CA LYS D 26 9.17 -0.21 -24.79
C LYS D 26 8.76 -1.69 -24.85
N LYS D 27 8.30 -2.13 -26.01
CA LYS D 27 7.85 -3.52 -26.21
C LYS D 27 8.99 -4.56 -26.15
N ASP D 28 10.18 -4.19 -26.64
CA ASP D 28 11.41 -5.02 -26.45
C ASP D 28 11.67 -5.38 -24.99
N GLY D 29 11.31 -4.47 -24.08
CA GLY D 29 11.43 -4.71 -22.64
C GLY D 29 11.99 -3.48 -21.94
N PRO D 30 12.10 -3.53 -20.61
CA PRO D 30 12.61 -2.37 -19.90
C PRO D 30 14.10 -2.16 -20.13
N TYR D 31 14.55 -0.92 -19.93
CA TYR D 31 15.97 -0.60 -19.87
C TYR D 31 16.36 -0.46 -18.40
N GLN D 32 17.65 -0.55 -18.14
CA GLN D 32 18.24 -0.30 -16.83
C GLN D 32 19.28 0.79 -16.99
N ILE D 33 19.17 1.84 -16.19
CA ILE D 33 20.21 2.85 -16.12
C ILE D 33 20.92 2.77 -14.77
N ASP D 34 22.25 2.77 -14.80
CA ASP D 34 23.07 2.83 -13.59
C ASP D 34 23.77 4.19 -13.63
N VAL D 35 23.69 4.92 -12.52
CA VAL D 35 24.25 6.25 -12.42
C VAL D 35 25.22 6.30 -11.23
N SER D 36 26.42 6.83 -11.45
CA SER D 36 27.37 7.11 -10.36
C SER D 36 27.82 8.56 -10.40
N TRP D 37 28.27 9.07 -9.26
CA TRP D 37 28.72 10.44 -9.13
C TRP D 37 29.92 10.56 -8.18
N PRO D 38 30.66 11.69 -8.25
CA PRO D 38 31.88 11.83 -7.44
C PRO D 38 31.70 11.56 -5.95
N LEU D 39 32.75 11.03 -5.34
CA LEU D 39 32.73 10.64 -3.93
C LEU D 39 32.69 11.82 -2.97
N THR D 40 33.09 12.99 -3.44
CA THR D 40 33.01 14.23 -2.66
C THR D 40 31.61 14.83 -2.60
N TRP D 41 30.69 14.34 -3.44
CA TRP D 41 29.28 14.73 -3.37
C TRP D 41 28.57 13.87 -2.32
N SER D 42 27.37 14.28 -1.93
CA SER D 42 26.60 13.54 -0.92
C SER D 42 26.07 12.21 -1.47
N GLU D 43 25.67 11.32 -0.56
CA GLU D 43 25.00 10.07 -0.93
C GLU D 43 23.67 10.25 -1.67
N SER D 44 23.04 11.43 -1.53
CA SER D 44 21.83 11.76 -2.28
C SER D 44 22.10 12.48 -3.63
N GLY D 45 23.38 12.64 -4.00
CA GLY D 45 23.75 13.28 -5.26
C GLY D 45 23.90 14.79 -5.22
N ASP D 46 23.96 15.37 -4.01
CA ASP D 46 24.15 16.82 -3.87
C ASP D 46 25.61 17.19 -4.15
N ALA D 47 25.81 18.01 -5.17
CA ALA D 47 27.14 18.47 -5.57
C ALA D 47 27.55 19.80 -4.91
N SER D 48 26.65 20.40 -4.12
CA SER D 48 26.90 21.66 -3.41
C SER D 48 27.38 22.78 -4.35
N GLY D 49 26.69 22.91 -5.49
CA GLY D 49 27.00 23.95 -6.47
C GLY D 49 28.06 23.62 -7.51
N LYS D 50 28.71 22.46 -7.38
CA LYS D 50 29.71 22.03 -8.36
C LYS D 50 29.06 21.71 -9.70
N SER D 51 29.81 21.98 -10.77
CA SER D 51 29.45 21.57 -12.12
C SER D 51 30.02 20.19 -12.39
N ALA D 52 29.67 19.61 -13.54
CA ALA D 52 30.15 18.27 -13.88
C ALA D 52 30.18 18.03 -15.37
N ASN D 53 30.99 17.05 -15.77
CA ASN D 53 30.86 16.40 -17.06
C ASN D 53 29.96 15.18 -16.89
N ALA D 54 29.57 14.57 -18.01
CA ALA D 54 28.80 13.33 -17.97
C ALA D 54 29.30 12.39 -19.05
N VAL D 55 29.46 11.12 -18.70
CA VAL D 55 29.81 10.09 -19.68
C VAL D 55 28.66 9.10 -19.76
N TYR D 56 28.12 8.94 -20.98
CA TYR D 56 27.03 8.05 -21.29
C TYR D 56 27.61 6.79 -21.93
N LEU D 57 27.25 5.62 -21.40
CA LEU D 57 27.79 4.34 -21.86
C LEU D 57 26.69 3.44 -22.38
N VAL D 58 26.88 2.89 -23.58
CA VAL D 58 26.02 1.82 -24.09
C VAL D 58 26.71 0.47 -23.79
N ASP D 59 25.95 -0.63 -23.83
CA ASP D 59 26.34 -1.88 -23.10
C ASP D 59 26.63 -1.54 -21.64
N GLY D 60 25.72 -0.78 -21.04
CA GLY D 60 25.93 -0.17 -19.74
C GLY D 60 26.33 -1.13 -18.63
N ASN D 61 25.72 -2.31 -18.64
CA ASN D 61 25.99 -3.33 -17.61
C ASN D 61 27.45 -3.80 -17.61
N ALA D 62 28.12 -3.70 -18.77
CA ALA D 62 29.50 -4.16 -18.96
C ALA D 62 30.57 -3.12 -18.67
N LEU D 63 30.19 -1.85 -18.59
CA LEU D 63 31.16 -0.74 -18.54
C LEU D 63 31.03 0.21 -17.35
N PHE D 64 29.90 0.17 -16.65
CA PHE D 64 29.56 1.13 -15.60
C PHE D 64 30.60 1.22 -14.48
N LEU D 65 30.98 0.06 -13.97
CA LEU D 65 31.88 -0.01 -12.82
C LEU D 65 33.31 0.40 -13.20
N THR D 66 33.76 0.02 -14.39
CA THR D 66 35.08 0.42 -14.89
C THR D 66 35.18 1.93 -15.06
N ALA D 67 34.17 2.52 -15.70
CA ALA D 67 34.11 3.97 -15.88
C ALA D 67 34.08 4.71 -14.54
N THR D 68 33.22 4.24 -13.64
CA THR D 68 33.07 4.81 -12.32
C THR D 68 34.40 4.84 -11.57
N GLU D 69 35.10 3.71 -11.55
CA GLU D 69 36.32 3.61 -10.78
C GLU D 69 37.50 4.35 -11.42
N THR D 70 37.57 4.33 -12.75
CA THR D 70 38.57 5.12 -13.47
C THR D 70 38.47 6.60 -13.07
N LEU D 71 37.25 7.12 -13.08
CA LEU D 71 36.99 8.51 -12.66
C LEU D 71 37.31 8.76 -11.19
N ARG D 72 36.94 7.85 -10.32
CA ARG D 72 37.19 8.04 -8.89
C ARG D 72 38.69 8.03 -8.54
N ARG D 73 39.48 7.19 -9.22
CA ARG D 73 40.93 7.22 -9.05
C ARG D 73 41.50 8.57 -9.46
N ARG D 74 41.15 9.04 -10.65
CA ARG D 74 41.65 10.33 -11.12
C ARG D 74 41.15 11.50 -10.25
N GLU D 75 39.87 11.47 -9.88
CA GLU D 75 39.28 12.52 -9.02
C GLU D 75 39.93 12.60 -7.64
N SER D 76 40.39 11.46 -7.12
CA SER D 76 41.12 11.41 -5.85
C SER D 76 42.47 12.11 -5.92
N HIS D 77 43.19 11.93 -7.02
CA HIS D 77 44.49 12.61 -7.24
C HIS D 77 44.36 14.05 -7.75
N ARG D 78 43.23 14.37 -8.36
CA ARG D 78 43.01 15.69 -8.96
C ARG D 78 41.67 16.25 -8.48
N PRO D 79 41.60 16.65 -7.20
CA PRO D 79 40.32 17.11 -6.64
C PRO D 79 39.81 18.44 -7.21
N SER D 80 40.68 19.25 -7.83
CA SER D 80 40.27 20.50 -8.47
C SER D 80 39.71 20.32 -9.90
N GLU D 81 39.87 19.14 -10.51
CA GLU D 81 39.26 18.88 -11.82
C GLU D 81 37.74 18.77 -11.71
N THR D 82 37.07 19.09 -12.81
CA THR D 82 35.61 18.93 -12.92
C THR D 82 35.25 17.48 -12.68
N GLY D 83 34.29 17.24 -11.79
CA GLY D 83 33.79 15.88 -11.52
C GLY D 83 32.97 15.37 -12.68
N THR D 84 32.79 14.05 -12.75
CA THR D 84 32.06 13.43 -13.86
C THR D 84 31.02 12.44 -13.36
N VAL D 85 29.82 12.55 -13.89
CA VAL D 85 28.73 11.62 -13.64
C VAL D 85 28.80 10.54 -14.73
N VAL D 86 28.62 9.29 -14.32
CA VAL D 86 28.55 8.16 -15.26
C VAL D 86 27.08 7.76 -15.38
N ILE D 87 26.60 7.64 -16.63
CA ILE D 87 25.25 7.13 -16.92
C ILE D 87 25.40 5.95 -17.86
N ALA D 88 25.20 4.76 -17.32
CA ALA D 88 25.29 3.52 -18.09
C ALA D 88 23.89 3.10 -18.50
N ILE D 89 23.65 2.98 -19.82
CA ILE D 89 22.36 2.54 -20.34
C ILE D 89 22.49 1.07 -20.73
N GLY D 90 21.76 0.22 -20.01
CA GLY D 90 21.81 -1.22 -20.22
C GLY D 90 20.45 -1.86 -20.06
N TYR D 91 20.46 -3.09 -19.56
CA TYR D 91 19.29 -3.95 -19.59
C TYR D 91 19.15 -4.63 -18.23
N PRO D 92 17.94 -5.12 -17.89
CA PRO D 92 17.70 -5.80 -16.62
C PRO D 92 18.18 -7.26 -16.66
N ILE D 93 19.48 -7.42 -16.83
CA ILE D 93 20.13 -8.72 -16.98
C ILE D 93 20.93 -8.98 -15.70
N THR D 94 20.98 -10.25 -15.31
CA THR D 94 21.62 -10.64 -14.05
C THR D 94 22.71 -11.72 -14.15
N ASP D 95 22.64 -12.62 -15.13
CA ASP D 95 23.65 -13.70 -15.28
C ASP D 95 24.80 -13.37 -16.24
N SER D 96 24.71 -12.21 -16.88
CA SER D 96 25.75 -11.73 -17.81
C SER D 96 25.74 -10.20 -17.81
N VAL D 97 26.78 -9.60 -18.37
CA VAL D 97 26.83 -8.12 -18.54
C VAL D 97 26.49 -7.67 -19.95
N PHE D 98 26.17 -8.61 -20.84
CA PHE D 98 25.75 -8.31 -22.21
C PHE D 98 24.37 -8.90 -22.48
N SER D 99 23.55 -8.16 -23.23
CA SER D 99 22.21 -8.61 -23.61
C SER D 99 22.17 -8.84 -25.13
N PRO D 100 21.43 -9.88 -25.59
CA PRO D 100 21.20 -10.02 -27.04
C PRO D 100 20.45 -8.82 -27.66
N ARG D 101 19.70 -8.09 -26.84
CA ARG D 101 18.98 -6.88 -27.27
C ARG D 101 19.87 -5.78 -27.84
N ARG D 102 21.16 -5.80 -27.48
CA ARG D 102 22.14 -4.82 -27.98
C ARG D 102 22.23 -4.79 -29.51
N SER D 103 22.07 -5.96 -30.15
CA SER D 103 22.12 -6.06 -31.61
C SER D 103 21.09 -5.16 -32.27
N TYR D 104 19.87 -5.15 -31.74
CA TYR D 104 18.81 -4.29 -32.23
C TYR D 104 19.09 -2.82 -31.91
N ASP D 105 19.35 -2.53 -30.63
CA ASP D 105 19.50 -1.14 -30.18
C ASP D 105 20.68 -0.39 -30.79
N LEU D 106 21.77 -1.10 -31.08
CA LEU D 106 23.04 -0.45 -31.45
C LEU D 106 23.33 -0.37 -32.94
N THR D 107 22.54 -1.04 -33.77
CA THR D 107 22.78 -1.05 -35.22
C THR D 107 21.81 -0.11 -35.95
N PRO D 108 22.31 0.63 -36.94
CA PRO D 108 21.46 1.59 -37.64
C PRO D 108 20.49 0.96 -38.63
N PRO D 109 19.39 1.65 -38.93
CA PRO D 109 18.48 1.17 -39.98
C PRO D 109 19.17 1.11 -41.33
N CYS D 110 18.75 0.14 -42.15
CA CYS D 110 19.28 -0.04 -43.50
C CYS D 110 18.21 -0.68 -44.37
N ASP D 111 18.32 -0.48 -45.68
CA ASP D 111 17.39 -1.08 -46.64
C ASP D 111 17.67 -2.57 -46.90
N HIS D 112 18.94 -2.97 -46.81
CA HIS D 112 19.36 -4.36 -47.03
C HIS D 112 20.21 -4.85 -45.86
N TYR D 113 19.97 -6.08 -45.42
CA TYR D 113 20.69 -6.68 -44.29
C TYR D 113 21.43 -7.95 -44.70
N ILE D 114 22.72 -8.00 -44.36
CA ILE D 114 23.57 -9.15 -44.59
C ILE D 114 24.03 -9.61 -43.21
N PRO D 115 23.61 -10.82 -42.77
CA PRO D 115 23.99 -11.34 -41.46
C PRO D 115 25.52 -11.40 -41.23
N PRO D 116 25.98 -11.11 -39.99
CA PRO D 116 27.36 -11.43 -39.64
C PRO D 116 27.64 -12.93 -39.68
N GLU D 117 28.90 -13.31 -39.90
CA GLU D 117 29.32 -14.71 -39.85
C GLU D 117 29.82 -15.04 -38.45
N GLY D 118 29.37 -16.17 -37.90
CA GLY D 118 29.80 -16.61 -36.57
C GLY D 118 31.22 -17.14 -36.56
N PRO D 119 31.72 -17.57 -35.37
CA PRO D 119 33.09 -18.12 -35.27
C PRO D 119 33.33 -19.32 -36.19
N ASP D 120 32.35 -20.23 -36.25
CA ASP D 120 32.43 -21.43 -37.11
C ASP D 120 32.36 -21.15 -38.63
N GLY D 121 31.89 -19.98 -39.04
CA GLY D 121 31.75 -19.60 -40.46
C GLY D 121 30.32 -19.58 -40.96
N SER D 122 29.38 -20.09 -40.15
CA SER D 122 27.96 -20.07 -40.48
C SER D 122 27.39 -18.66 -40.32
N PRO D 123 26.29 -18.34 -41.04
CA PRO D 123 25.67 -17.03 -40.85
C PRO D 123 24.88 -17.00 -39.54
N LYS D 124 24.98 -15.88 -38.82
CA LYS D 124 24.29 -15.69 -37.54
C LYS D 124 23.42 -14.43 -37.62
N PRO D 125 22.17 -14.57 -38.11
CA PRO D 125 21.29 -13.39 -38.18
C PRO D 125 20.83 -12.93 -36.79
N GLU D 126 20.72 -11.61 -36.63
CA GLU D 126 20.32 -10.98 -35.39
C GLU D 126 19.31 -9.90 -35.73
N ALA D 127 18.50 -9.50 -34.75
CA ALA D 127 17.63 -8.33 -34.89
C ALA D 127 18.50 -7.08 -35.05
N HIS D 128 17.99 -6.09 -35.78
CA HIS D 128 18.80 -4.96 -36.21
C HIS D 128 17.96 -3.73 -36.56
N GLY D 129 18.61 -2.57 -36.52
CA GLY D 129 18.02 -1.32 -37.01
C GLY D 129 17.35 -0.42 -36.00
N GLY D 130 17.62 -0.64 -34.71
CA GLY D 130 17.00 0.15 -33.66
C GLY D 130 17.76 1.36 -33.17
N ALA D 131 18.87 1.71 -33.81
CA ALA D 131 19.77 2.76 -33.30
C ALA D 131 19.18 4.17 -33.27
N ASP D 132 18.34 4.52 -34.25
CA ASP D 132 17.68 5.84 -34.25
C ASP D 132 16.75 5.98 -33.05
N GLU D 133 15.96 4.95 -32.77
CA GLU D 133 15.07 4.92 -31.61
C GLU D 133 15.86 5.00 -30.31
N PHE D 134 16.96 4.25 -30.23
CA PHE D 134 17.79 4.18 -29.02
C PHE D 134 18.52 5.51 -28.76
N LEU D 135 19.04 6.14 -29.80
CA LEU D 135 19.68 7.47 -29.66
C LEU D 135 18.68 8.51 -29.19
N THR D 136 17.48 8.49 -29.76
CA THR D 136 16.38 9.36 -29.32
C THR D 136 16.02 9.09 -27.85
N PHE D 137 15.93 7.81 -27.48
CA PHE D 137 15.67 7.40 -26.09
C PHE D 137 16.71 7.97 -25.13
N ILE D 138 18.00 7.82 -25.47
CA ILE D 138 19.08 8.33 -24.62
C ILE D 138 19.04 9.86 -24.53
N ALA D 139 18.93 10.52 -25.68
CA ALA D 139 19.00 11.98 -25.76
C ALA D 139 17.78 12.68 -25.14
N GLU D 140 16.59 12.12 -25.33
CA GLU D 140 15.33 12.79 -24.92
C GLU D 140 14.63 12.22 -23.68
N ILE D 141 14.96 10.98 -23.28
CA ILE D 141 14.35 10.35 -22.11
C ILE D 141 15.36 10.21 -20.96
N VAL D 142 16.50 9.59 -21.24
CA VAL D 142 17.49 9.30 -20.20
C VAL D 142 18.17 10.59 -19.72
N ARG D 143 18.74 11.35 -20.65
CA ARG D 143 19.52 12.54 -20.29
C ARG D 143 18.69 13.58 -19.53
N PRO D 144 17.46 13.90 -19.99
CA PRO D 144 16.65 14.84 -19.20
C PRO D 144 16.24 14.35 -17.82
N PHE D 145 16.08 13.04 -17.64
CA PHE D 145 15.84 12.47 -16.31
C PHE D 145 17.06 12.71 -15.40
N VAL D 146 18.24 12.37 -15.91
CA VAL D 146 19.48 12.53 -15.15
C VAL D 146 19.71 14.00 -14.80
N GLU D 147 19.60 14.87 -15.80
CA GLU D 147 19.86 16.29 -15.62
C GLU D 147 18.81 17.04 -14.79
N LEU D 148 17.52 16.79 -15.07
CA LEU D 148 16.44 17.57 -14.42
C LEU D 148 15.89 16.93 -13.14
N LYS D 149 15.96 15.60 -13.01
CA LYS D 149 15.45 14.91 -11.81
C LYS D 149 16.54 14.48 -10.84
N VAL D 150 17.62 13.88 -11.34
CA VAL D 150 18.67 13.35 -10.46
C VAL D 150 19.61 14.45 -9.98
N PHE D 151 20.09 15.30 -10.91
CA PHE D 151 21.08 16.34 -10.62
C PHE D 151 20.57 17.74 -11.01
N PRO D 152 19.42 18.17 -10.45
CA PRO D 152 18.77 19.42 -10.89
C PRO D 152 19.61 20.69 -10.73
N ARG D 153 20.49 20.73 -9.74
CA ARG D 153 21.33 21.91 -9.47
C ARG D 153 22.74 21.83 -10.04
N VAL D 154 23.03 20.79 -10.82
CA VAL D 154 24.33 20.64 -11.46
C VAL D 154 24.29 21.16 -12.90
N SER D 155 25.17 22.11 -13.21
N SER D 155 25.17 22.11 -13.21
CA SER D 155 25.38 22.56 -14.57
CA SER D 155 25.38 22.56 -14.57
C SER D 155 26.35 21.59 -15.26
C SER D 155 26.34 21.59 -15.26
N PHE D 156 25.89 20.97 -16.36
CA PHE D 156 26.71 20.00 -17.08
C PHE D 156 27.50 20.68 -18.18
N GLY D 157 28.81 20.42 -18.20
CA GLY D 157 29.73 21.03 -19.14
C GLY D 157 29.82 20.26 -20.44
N ARG D 158 30.63 19.20 -20.41
CA ARG D 158 30.83 18.33 -21.57
C ARG D 158 30.18 16.98 -21.32
N THR D 159 29.43 16.50 -22.32
CA THR D 159 28.87 15.15 -22.30
C THR D 159 29.61 14.30 -23.32
N ALA D 160 29.86 13.04 -22.98
CA ALA D 160 30.51 12.09 -23.86
C ALA D 160 29.66 10.84 -24.01
N LEU D 161 29.78 10.21 -25.19
CA LEU D 161 29.17 8.91 -25.47
C LEU D 161 30.29 7.93 -25.76
N PHE D 162 30.32 6.83 -25.00
CA PHE D 162 31.25 5.73 -25.23
C PHE D 162 30.49 4.46 -25.59
N GLY D 163 30.99 3.77 -26.61
CA GLY D 163 30.56 2.42 -26.91
C GLY D 163 31.68 1.62 -27.52
N HIS D 164 31.62 0.30 -27.33
CA HIS D 164 32.62 -0.63 -27.85
C HIS D 164 31.94 -1.66 -28.76
N SER D 165 32.62 -2.02 -29.85
N SER D 165 32.62 -2.02 -29.85
CA SER D 165 32.11 -2.98 -30.85
CA SER D 165 32.12 -2.99 -30.84
C SER D 165 30.85 -2.42 -31.54
C SER D 165 30.86 -2.44 -31.55
N TYR D 166 29.70 -3.10 -31.46
CA TYR D 166 28.42 -2.50 -31.93
C TYR D 166 28.13 -1.16 -31.20
N GLY D 167 28.56 -1.05 -29.95
CA GLY D 167 28.50 0.23 -29.23
C GLY D 167 29.30 1.34 -29.91
N GLY D 168 30.47 0.99 -30.46
CA GLY D 168 31.30 1.92 -31.21
C GLY D 168 30.66 2.31 -32.53
N LEU D 169 30.06 1.33 -33.20
CA LEU D 169 29.25 1.59 -34.39
C LEU D 169 28.12 2.56 -34.08
N PHE D 170 27.44 2.33 -32.95
CA PHE D 170 26.38 3.22 -32.48
C PHE D 170 26.87 4.64 -32.23
N ALA D 171 28.04 4.77 -31.60
CA ALA D 171 28.65 6.09 -31.35
C ALA D 171 28.90 6.82 -32.67
N LEU D 172 29.44 6.11 -33.66
CA LEU D 172 29.65 6.69 -34.98
C LEU D 172 28.32 7.06 -35.63
N HIS D 173 27.33 6.19 -35.55
CA HIS D 173 26.00 6.47 -36.08
C HIS D 173 25.42 7.74 -35.46
N ALA D 174 25.57 7.88 -34.14
CA ALA D 174 25.12 9.09 -33.45
C ALA D 174 25.86 10.33 -33.97
N LEU D 175 27.18 10.25 -34.05
CA LEU D 175 28.01 11.34 -34.58
C LEU D 175 27.56 11.75 -35.99
N PHE D 176 27.36 10.76 -36.85
CA PHE D 176 27.07 11.01 -38.27
C PHE D 176 25.66 11.58 -38.53
N THR D 177 24.67 11.14 -37.77
CA THR D 177 23.26 11.53 -37.98
C THR D 177 22.78 12.69 -37.09
N LYS D 178 23.23 12.72 -35.84
CA LYS D 178 22.86 13.78 -34.89
C LYS D 178 24.10 14.26 -34.12
N PRO D 179 25.06 14.92 -34.81
CA PRO D 179 26.36 15.30 -34.21
C PRO D 179 26.30 16.19 -32.96
N SER D 180 25.24 16.97 -32.81
CA SER D 180 25.04 17.78 -31.61
C SER D 180 24.54 16.99 -30.38
N SER D 181 24.24 15.70 -30.54
CA SER D 181 23.79 14.83 -29.43
C SER D 181 24.74 14.85 -28.22
N PHE D 182 26.03 14.77 -28.51
CA PHE D 182 27.07 14.78 -27.49
C PHE D 182 28.22 15.68 -27.92
N ASP D 183 29.01 16.11 -26.95
CA ASP D 183 30.22 16.90 -27.23
C ASP D 183 31.39 16.02 -27.67
N VAL D 184 31.48 14.82 -27.12
CA VAL D 184 32.61 13.92 -27.33
C VAL D 184 32.07 12.53 -27.64
N TYR D 185 32.63 11.93 -28.68
CA TYR D 185 32.26 10.58 -29.10
C TYR D 185 33.48 9.70 -28.93
N LEU D 186 33.30 8.60 -28.21
CA LEU D 186 34.38 7.66 -27.94
C LEU D 186 33.97 6.32 -28.55
N ALA D 187 34.48 6.05 -29.75
CA ALA D 187 34.11 4.88 -30.52
C ALA D 187 35.24 3.87 -30.44
N ALA D 188 35.04 2.85 -29.59
CA ALA D 188 36.06 1.85 -29.32
C ALA D 188 35.77 0.61 -30.14
N SER D 189 36.78 0.16 -30.89
CA SER D 189 36.66 -1.00 -31.78
C SER D 189 35.34 -1.03 -32.56
N PRO D 190 34.97 0.10 -33.23
CA PRO D 190 33.66 0.17 -33.86
C PRO D 190 33.52 -0.88 -34.97
N SER D 191 32.35 -1.51 -35.03
CA SER D 191 32.08 -2.56 -36.02
C SER D 191 31.74 -1.93 -37.37
N ILE D 192 32.71 -1.24 -37.95
CA ILE D 192 32.53 -0.54 -39.23
C ILE D 192 32.19 -1.55 -40.34
N TRP D 193 32.77 -2.74 -40.23
CA TRP D 193 32.46 -3.89 -41.11
C TRP D 193 30.98 -4.26 -41.21
N TRP D 194 30.22 -3.98 -40.17
CA TRP D 194 28.83 -4.46 -40.04
C TRP D 194 27.98 -4.22 -41.28
N ASN D 195 27.31 -5.28 -41.74
CA ASN D 195 26.37 -5.23 -42.86
C ASN D 195 27.05 -4.71 -44.14
N ASN D 196 28.16 -5.34 -44.50
CA ASN D 196 28.99 -4.93 -45.65
C ASN D 196 29.30 -3.41 -45.62
N ARG D 197 29.74 -2.95 -44.46
CA ARG D 197 30.15 -1.55 -44.26
C ARG D 197 29.04 -0.54 -44.53
N SER D 198 27.81 -0.87 -44.12
CA SER D 198 26.66 0.00 -44.42
C SER D 198 26.74 1.40 -43.77
N ILE D 199 27.50 1.51 -42.67
CA ILE D 199 27.73 2.80 -42.00
C ILE D 199 28.41 3.86 -42.91
N LEU D 200 29.18 3.42 -43.90
CA LEU D 200 29.91 4.33 -44.79
C LEU D 200 29.03 5.34 -45.55
N THR D 201 27.77 4.98 -45.83
CA THR D 201 26.85 5.91 -46.49
CA THR D 201 26.85 5.91 -46.49
C THR D 201 26.55 7.10 -45.59
N GLU D 202 26.34 6.83 -44.30
CA GLU D 202 26.12 7.87 -43.30
C GLU D 202 27.39 8.68 -43.05
N ALA D 203 28.54 7.99 -43.03
CA ALA D 203 29.84 8.64 -42.86
C ALA D 203 30.08 9.64 -43.97
N ARG D 204 29.79 9.23 -45.20
CA ARG D 204 29.96 10.08 -46.37
C ARG D 204 29.05 11.32 -46.30
N ARG D 205 27.78 11.12 -45.93
CA ARG D 205 26.86 12.25 -45.71
C ARG D 205 27.40 13.23 -44.66
N PHE D 206 27.92 12.70 -43.55
CA PHE D 206 28.53 13.51 -42.50
C PHE D 206 29.77 14.27 -42.99
N ILE D 207 30.64 13.56 -43.71
CA ILE D 207 31.93 14.11 -44.16
C ILE D 207 31.75 15.16 -45.26
N SER D 208 31.02 14.79 -46.31
CA SER D 208 30.90 15.62 -47.51
C SER D 208 29.63 16.47 -47.60
N GLY D 209 28.56 16.07 -46.91
CA GLY D 209 27.25 16.70 -47.04
C GLY D 209 26.79 17.56 -45.88
N ALA D 210 27.73 18.02 -45.06
CA ALA D 210 27.41 18.79 -43.86
C ALA D 210 26.98 20.20 -44.22
N ALA D 211 25.92 20.68 -43.57
CA ALA D 211 25.40 22.03 -43.79
C ALA D 211 26.48 23.08 -43.52
N LEU D 212 26.38 24.21 -44.21
CA LEU D 212 27.42 25.22 -44.20
C LEU D 212 27.55 25.92 -42.84
N PHE D 213 26.42 26.37 -42.28
CA PHE D 213 26.41 27.17 -41.04
C PHE D 213 25.88 26.47 -39.79
N SER D 214 24.99 25.50 -39.96
CA SER D 214 24.27 24.90 -38.83
C SER D 214 24.97 23.68 -38.19
N SER D 215 26.10 23.24 -38.76
CA SER D 215 26.74 22.00 -38.32
C SER D 215 27.51 22.18 -37.01
N ALA D 216 27.40 21.18 -36.13
CA ALA D 216 28.27 21.06 -34.97
C ALA D 216 29.58 20.41 -35.40
N HIS D 217 30.66 20.69 -34.67
CA HIS D 217 31.98 20.12 -34.94
C HIS D 217 32.49 19.40 -33.70
N PRO D 218 31.99 18.18 -33.45
CA PRO D 218 32.31 17.49 -32.19
C PRO D 218 33.73 16.92 -32.11
N VAL D 219 34.00 16.19 -31.03
CA VAL D 219 35.26 15.54 -30.80
C VAL D 219 35.04 14.03 -30.96
N LEU D 220 36.01 13.35 -31.57
CA LEU D 220 35.95 11.89 -31.76
C LEU D 220 37.28 11.24 -31.40
N ARG D 221 37.21 10.18 -30.61
CA ARG D 221 38.36 9.32 -30.35
C ARG D 221 38.02 7.92 -30.85
N LEU D 222 38.83 7.42 -31.78
CA LEU D 222 38.73 6.06 -32.29
C LEU D 222 39.80 5.22 -31.64
N SER D 223 39.47 3.96 -31.36
CA SER D 223 40.46 3.02 -30.85
C SER D 223 40.22 1.59 -31.33
N PHE D 224 41.28 0.80 -31.30
CA PHE D 224 41.20 -0.62 -31.57
C PHE D 224 42.40 -1.33 -30.93
N GLY D 225 42.26 -2.63 -30.71
CA GLY D 225 43.36 -3.48 -30.26
C GLY D 225 44.11 -4.00 -31.48
N SER D 226 45.45 -4.02 -31.40
CA SER D 226 46.27 -4.46 -32.54
C SER D 226 45.95 -5.89 -33.00
N ARG D 227 45.59 -6.77 -32.06
CA ARG D 227 45.25 -8.17 -32.38
C ARG D 227 43.87 -8.38 -33.03
N GLU D 228 43.06 -7.34 -33.14
CA GLU D 228 41.71 -7.49 -33.71
C GLU D 228 41.79 -7.90 -35.18
N GLN D 229 42.60 -7.18 -35.96
CA GLN D 229 42.85 -7.56 -37.35
C GLN D 229 44.00 -8.56 -37.51
N TYR D 230 44.89 -8.64 -36.51
CA TYR D 230 46.08 -9.50 -36.56
C TYR D 230 46.14 -10.44 -35.36
N PRO D 231 45.25 -11.46 -35.34
CA PRO D 231 45.24 -12.38 -34.21
C PRO D 231 46.56 -13.13 -34.03
N VAL D 232 46.89 -13.41 -32.77
CA VAL D 232 48.09 -14.13 -32.40
C VAL D 232 47.68 -15.57 -32.09
N ARG D 233 48.38 -16.52 -32.68
CA ARG D 233 48.04 -17.93 -32.51
C ARG D 233 48.33 -18.41 -31.09
N GLN D 234 47.38 -19.14 -30.51
CA GLN D 234 47.54 -19.76 -29.20
C GLN D 234 48.02 -21.20 -29.38
N ARG D 235 48.74 -21.72 -28.39
CA ARG D 235 49.36 -23.06 -28.49
C ARG D 235 48.34 -24.16 -28.79
N VAL D 236 47.19 -24.11 -28.13
CA VAL D 236 46.16 -25.14 -28.23
C VAL D 236 45.51 -25.22 -29.63
N GLU D 237 45.51 -24.12 -30.37
CA GLU D 237 44.80 -24.03 -31.65
C GLU D 237 45.34 -24.92 -32.76
N SER D 238 44.46 -25.72 -33.34
CA SER D 238 44.66 -26.35 -34.64
C SER D 238 44.82 -25.33 -35.77
N ASP D 239 45.31 -25.82 -36.91
CA ASP D 239 45.47 -24.98 -38.11
C ASP D 239 44.13 -24.45 -38.61
N GLU D 240 43.12 -25.31 -38.67
CA GLU D 240 41.78 -24.90 -39.12
C GLU D 240 41.18 -23.81 -38.21
N MET D 241 41.30 -24.00 -36.89
CA MET D 241 40.78 -23.04 -35.90
CA MET D 241 40.76 -23.03 -35.93
C MET D 241 41.42 -21.66 -36.04
N PHE D 242 42.75 -21.63 -36.19
CA PHE D 242 43.48 -20.35 -36.30
C PHE D 242 43.24 -19.65 -37.64
N LYS D 243 43.27 -20.42 -38.73
CA LYS D 243 43.02 -19.86 -40.08
C LYS D 243 41.63 -19.22 -40.14
N ARG D 244 40.66 -19.90 -39.53
CA ARG D 244 39.31 -19.40 -39.41
C ARG D 244 39.25 -18.07 -38.63
N ARG D 245 40.02 -17.97 -37.55
CA ARG D 245 40.15 -16.68 -36.83
C ARG D 245 40.82 -15.62 -37.70
N GLN D 246 41.88 -16.00 -38.41
CA GLN D 246 42.60 -15.08 -39.29
C GLN D 246 41.73 -14.51 -40.39
N ARG D 247 40.93 -15.37 -41.05
CA ARG D 247 40.10 -14.94 -42.18
C ARG D 247 38.99 -13.99 -41.70
N ALA D 248 38.37 -14.32 -40.57
CA ALA D 248 37.36 -13.46 -39.96
C ALA D 248 37.94 -12.09 -39.59
N ALA D 249 39.14 -12.09 -39.01
CA ALA D 249 39.86 -10.85 -38.68
C ALA D 249 40.17 -10.01 -39.92
N GLU D 250 40.64 -10.68 -40.97
CA GLU D 250 40.90 -10.03 -42.27
C GLU D 250 39.67 -9.36 -42.87
N GLN D 251 38.55 -10.08 -42.85
CA GLN D 251 37.27 -9.58 -43.37
C GLN D 251 36.76 -8.38 -42.56
N ARG D 252 36.76 -8.50 -41.24
CA ARG D 252 36.26 -7.43 -40.36
C ARG D 252 37.15 -6.19 -40.41
N ARG D 253 38.46 -6.40 -40.64
CA ARG D 253 39.39 -5.33 -40.99
C ARG D 253 39.32 -4.17 -40.00
N MET D 254 39.35 -4.50 -38.71
CA MET D 254 39.14 -3.50 -37.65
C MET D 254 40.16 -2.37 -37.66
N ASN D 255 41.43 -2.75 -37.76
CA ASN D 255 42.56 -1.81 -37.61
C ASN D 255 42.59 -0.84 -38.78
N ASP D 256 42.62 -1.39 -39.99
CA ASP D 256 42.66 -0.56 -41.20
C ASP D 256 41.40 0.29 -41.40
N ASN D 257 40.22 -0.26 -41.07
CA ASN D 257 38.96 0.50 -41.17
C ASN D 257 38.97 1.70 -40.21
N CYS D 258 39.44 1.49 -38.98
CA CYS D 258 39.59 2.59 -38.03
C CYS D 258 40.57 3.66 -38.53
N GLU D 259 41.75 3.23 -38.97
CA GLU D 259 42.79 4.15 -39.47
C GLU D 259 42.31 4.95 -40.69
N GLU D 260 41.62 4.27 -41.60
CA GLU D 260 41.11 4.92 -42.81
C GLU D 260 39.94 5.86 -42.55
N LEU D 261 39.09 5.52 -41.58
CA LEU D 261 38.03 6.45 -41.15
C LEU D 261 38.63 7.69 -40.51
N TYR D 262 39.62 7.49 -39.64
CA TYR D 262 40.38 8.60 -39.05
C TYR D 262 40.94 9.53 -40.14
N SER D 263 41.64 8.93 -41.10
CA SER D 263 42.26 9.70 -42.20
C SER D 263 41.25 10.50 -43.02
N GLU D 264 40.10 9.88 -43.32
CA GLU D 264 39.04 10.54 -44.09
C GLU D 264 38.42 11.72 -43.31
N LEU D 265 38.15 11.49 -42.03
CA LEU D 265 37.59 12.53 -41.17
C LEU D 265 38.58 13.68 -40.92
N LEU D 266 39.85 13.36 -40.76
CA LEU D 266 40.90 14.36 -40.56
C LEU D 266 40.98 15.34 -41.73
N ALA D 267 40.99 14.79 -42.95
CA ALA D 267 41.01 15.61 -44.18
C ALA D 267 39.76 16.48 -44.36
N SER D 268 38.62 16.02 -43.87
CA SER D 268 37.33 16.74 -44.02
C SER D 268 37.25 18.06 -43.23
N GLY D 269 37.90 18.11 -42.07
CA GLY D 269 37.78 19.25 -41.16
C GLY D 269 36.43 19.39 -40.47
N ARG D 270 35.68 18.29 -40.39
CA ARG D 270 34.37 18.28 -39.73
C ARG D 270 34.46 18.21 -38.20
N LEU D 271 35.63 17.83 -37.68
CA LEU D 271 35.82 17.65 -36.25
C LEU D 271 36.85 18.62 -35.71
N CYS D 272 36.56 19.21 -34.55
N CYS D 272 36.57 19.21 -34.55
CA CYS D 272 37.48 20.15 -33.89
CA CYS D 272 37.49 20.15 -33.90
C CYS D 272 38.69 19.42 -33.30
C CYS D 272 38.69 19.43 -33.29
N LYS D 273 38.47 18.21 -32.78
CA LYS D 273 39.53 17.36 -32.26
C LYS D 273 39.27 15.92 -32.70
N LEU D 274 40.32 15.24 -33.16
CA LEU D 274 40.20 13.88 -33.66
C LEU D 274 41.45 13.09 -33.24
N GLU D 275 41.22 11.90 -32.70
CA GLU D 275 42.31 11.05 -32.23
C GLU D 275 42.03 9.59 -32.58
N VAL D 276 43.08 8.87 -32.94
CA VAL D 276 43.00 7.41 -33.10
C VAL D 276 44.12 6.77 -32.29
N LYS D 277 43.79 5.69 -31.57
CA LYS D 277 44.76 4.98 -30.74
C LYS D 277 44.71 3.49 -31.03
N GLU D 278 45.88 2.92 -31.36
CA GLU D 278 46.07 1.49 -31.43
C GLU D 278 46.59 1.02 -30.09
N TYR D 279 45.86 0.12 -29.44
CA TYR D 279 46.31 -0.50 -28.19
C TYR D 279 47.07 -1.78 -28.53
N LEU D 280 48.39 -1.75 -28.39
CA LEU D 280 49.25 -2.89 -28.74
C LEU D 280 48.96 -4.12 -27.90
N ASP D 281 48.98 -5.29 -28.54
CA ASP D 281 48.79 -6.61 -27.91
C ASP D 281 47.38 -6.90 -27.40
N GLU D 282 46.42 -5.98 -27.58
CA GLU D 282 45.07 -6.17 -27.07
C GLU D 282 44.18 -6.74 -28.16
N ASP D 283 43.25 -7.60 -27.74
CA ASP D 283 42.25 -8.17 -28.64
C ASP D 283 40.88 -7.52 -28.39
N HIS D 284 39.83 -8.02 -29.05
CA HIS D 284 38.49 -7.44 -28.98
C HIS D 284 37.97 -7.27 -27.55
N GLY D 285 38.18 -8.30 -26.72
CA GLY D 285 37.77 -8.28 -25.33
C GLY D 285 38.72 -7.55 -24.40
N SER D 286 40.02 -7.80 -24.57
CA SER D 286 41.03 -7.23 -23.66
C SER D 286 41.19 -5.71 -23.85
N VAL D 287 40.84 -5.18 -25.02
CA VAL D 287 40.96 -3.74 -25.29
C VAL D 287 39.88 -2.90 -24.59
N ILE D 288 38.80 -3.51 -24.11
CA ILE D 288 37.67 -2.75 -23.57
C ILE D 288 38.10 -1.85 -22.40
N GLY D 289 38.72 -2.47 -21.39
CA GLY D 289 39.19 -1.74 -20.21
C GLY D 289 40.15 -0.61 -20.56
N PRO D 290 41.22 -0.91 -21.31
CA PRO D 290 42.16 0.12 -21.76
C PRO D 290 41.53 1.25 -22.57
N ALA D 291 40.63 0.92 -23.49
CA ALA D 291 39.98 1.95 -24.33
C ALA D 291 38.99 2.82 -23.56
N LEU D 292 38.28 2.22 -22.61
CA LEU D 292 37.34 2.97 -21.80
C LEU D 292 38.09 3.93 -20.88
N SER D 293 39.08 3.41 -20.17
N SER D 293 39.08 3.40 -20.17
CA SER D 293 39.93 4.25 -19.32
CA SER D 293 39.96 4.21 -19.33
C SER D 293 40.62 5.34 -20.13
C SER D 293 40.62 5.33 -20.13
N GLY D 294 41.18 4.97 -21.28
CA GLY D 294 41.82 5.93 -22.18
C GLY D 294 40.88 7.02 -22.68
N GLY D 295 39.64 6.65 -22.98
CA GLY D 295 38.62 7.61 -23.43
C GLY D 295 38.23 8.58 -22.34
N ILE D 296 38.13 8.07 -21.11
CA ILE D 296 37.87 8.91 -19.95
C ILE D 296 39.02 9.87 -19.67
N MET D 297 40.26 9.38 -19.73
CA MET D 297 41.44 10.26 -19.61
C MET D 297 41.38 11.37 -20.66
N PHE D 298 41.07 10.97 -21.90
CA PHE D 298 40.93 11.90 -23.03
C PHE D 298 39.90 13.00 -22.74
N LEU D 299 38.73 12.61 -22.23
CA LEU D 299 37.66 13.55 -21.84
C LEU D 299 38.11 14.48 -20.73
N SER D 300 38.72 13.92 -19.68
CA SER D 300 39.22 14.73 -18.56
C SER D 300 40.33 15.69 -18.98
N ASN D 301 41.21 15.26 -19.88
CA ASN D 301 42.32 16.11 -20.35
C ASN D 301 41.82 17.34 -21.12
N LEU D 302 40.81 17.15 -21.96
CA LEU D 302 40.24 18.28 -22.70
C LEU D 302 39.33 19.19 -21.85
N SER D 303 38.93 18.70 -20.68
CA SER D 303 38.12 19.47 -19.72
C SER D 303 38.95 20.28 -18.71
N ALA D 304 40.27 20.09 -18.71
CA ALA D 304 41.16 20.84 -17.82
C ALA D 304 41.27 22.31 -18.24
#